data_7FF4
#
_entry.id   7FF4
#
_cell.length_a   194.518
_cell.length_b   194.518
_cell.length_c   118.640
_cell.angle_alpha   90.000
_cell.angle_beta   90.000
_cell.angle_gamma   120.000
#
_symmetry.space_group_name_H-M   'H 3'
#
loop_
_entity.id
_entity.type
_entity.pdbx_description
1 polymer 'Transcriptional regulator, LacI family'
2 water water
#
_entity_poly.entity_id   1
_entity_poly.type   'polypeptide(L)'
_entity_poly.pdbx_seq_one_letter_code
;MNNIFDIARMAGVSKTTVSRVINNQPGVREETRIKVQEAIKKLNYVPNHAARSLVSRKSGVIGVVLNEFNASVYLKLANY
LEKFAYNYNYNVVFCSSNDNYESKSRYVQYFTGGAADGLILFGSDTRDKELVKRILKTGFPLVLIENYFNDINVNDVIIN
NFSGAVNAVNYLVGLGHRKIAHITGNVNHRAALERLNGYIRALNENGLAYSKEYVINTDSGEQSGCKAADQLLKLKEPPT
AVFTFNDMQGYEVIQRASELGLSVPRDLSVVGFDNIYDIFRFIPSNVRLTSMKQPMEKVAEAAIQLMVANIDNADEQPKV
ISFETELFHGTSCCERKHHHHHH
;
_entity_poly.pdbx_strand_id   A,B,C,D
#
# COMPACT_ATOMS: atom_id res chain seq x y z
N LYS A 58 -23.78 -15.74 23.93
CA LYS A 58 -22.66 -15.26 23.07
C LYS A 58 -22.71 -13.72 22.98
N SER A 59 -21.63 -13.07 23.36
CA SER A 59 -21.61 -11.58 23.37
C SER A 59 -21.30 -10.98 22.00
N GLY A 60 -20.73 -11.76 21.07
CA GLY A 60 -20.35 -11.20 19.76
C GLY A 60 -19.17 -10.27 19.93
N VAL A 61 -18.34 -10.54 20.92
CA VAL A 61 -17.19 -9.66 21.25
C VAL A 61 -15.90 -10.49 21.27
N ILE A 62 -14.86 -9.96 20.65
CA ILE A 62 -13.51 -10.59 20.70
C ILE A 62 -12.66 -9.68 21.56
N GLY A 63 -12.09 -10.22 22.63
CA GLY A 63 -11.25 -9.44 23.55
C GLY A 63 -9.79 -9.55 23.21
N VAL A 64 -9.07 -8.45 23.33
CA VAL A 64 -7.61 -8.40 23.05
C VAL A 64 -6.92 -7.83 24.27
N VAL A 65 -5.93 -8.51 24.81
CA VAL A 65 -5.20 -7.96 25.99
C VAL A 65 -3.77 -7.63 25.57
N LEU A 66 -3.37 -6.38 25.70
CA LEU A 66 -2.02 -5.91 25.30
C LEU A 66 -1.21 -5.64 26.56
N ASN A 67 0.12 -5.74 26.48
CA ASN A 67 0.91 -5.39 27.68
C ASN A 67 0.78 -3.90 27.89
N GLU A 68 0.78 -3.15 26.78
CA GLU A 68 0.63 -1.68 26.85
C GLU A 68 0.37 -1.12 25.45
N PHE A 69 -0.13 0.10 25.39
CA PHE A 69 -0.33 0.79 24.11
C PHE A 69 1.02 1.41 23.75
N ASN A 70 1.55 1.10 22.57
CA ASN A 70 2.86 1.68 22.19
C ASN A 70 2.91 1.89 20.68
N ALA A 71 3.90 2.64 20.21
CA ALA A 71 4.01 2.94 18.77
C ALA A 71 4.83 1.87 18.08
N SER A 72 4.31 0.66 18.04
CA SER A 72 5.05 -0.42 17.34
C SER A 72 4.25 -0.83 16.10
N VAL A 73 4.71 -1.87 15.43
CA VAL A 73 4.02 -2.42 14.23
C VAL A 73 2.66 -2.94 14.64
N TYR A 74 2.52 -3.32 15.90
CA TYR A 74 1.26 -3.87 16.45
C TYR A 74 0.12 -2.86 16.39
N LEU A 75 0.45 -1.59 16.22
CA LEU A 75 -0.59 -0.55 16.11
C LEU A 75 -1.42 -0.84 14.85
N LYS A 76 -0.76 -1.20 13.77
CA LYS A 76 -1.48 -1.47 12.50
C LYS A 76 -2.27 -2.77 12.65
N LEU A 77 -1.75 -3.71 13.43
CA LEU A 77 -2.44 -4.99 13.63
C LEU A 77 -3.77 -4.74 14.32
N ALA A 78 -3.78 -3.89 15.33
CA ALA A 78 -5.01 -3.59 16.09
C ALA A 78 -6.12 -3.07 15.18
N ASN A 79 -5.82 -2.11 14.31
CA ASN A 79 -6.87 -1.56 13.42
C ASN A 79 -7.36 -2.65 12.47
N TYR A 80 -6.46 -3.50 12.00
CA TYR A 80 -6.86 -4.56 11.05
C TYR A 80 -7.72 -5.59 11.77
N LEU A 81 -7.48 -5.81 13.06
CA LEU A 81 -8.31 -6.76 13.82
C LEU A 81 -9.74 -6.24 13.79
N GLU A 82 -9.93 -4.95 14.01
CA GLU A 82 -11.27 -4.34 13.99
C GLU A 82 -11.87 -4.47 12.59
N LYS A 83 -11.07 -4.21 11.57
CA LYS A 83 -11.61 -4.29 10.18
C LYS A 83 -12.12 -5.69 9.87
N PHE A 84 -11.33 -6.73 10.13
CA PHE A 84 -11.75 -8.11 9.77
C PHE A 84 -12.87 -8.61 10.68
N ALA A 85 -12.84 -8.27 11.96
CA ALA A 85 -13.89 -8.72 12.89
C ALA A 85 -15.25 -8.23 12.38
N TYR A 86 -15.29 -7.00 11.91
CA TYR A 86 -16.53 -6.37 11.39
C TYR A 86 -17.17 -7.26 10.33
N ASN A 87 -16.37 -7.79 9.41
CA ASN A 87 -16.90 -8.66 8.32
C ASN A 87 -17.49 -9.94 8.90
N TYR A 88 -17.01 -10.39 10.06
CA TYR A 88 -17.54 -11.61 10.67
C TYR A 88 -18.60 -11.25 11.72
N ASN A 89 -19.03 -9.99 11.69
CA ASN A 89 -20.08 -9.48 12.61
C ASN A 89 -19.62 -9.66 14.05
N TYR A 90 -18.42 -9.19 14.38
CA TYR A 90 -17.91 -9.29 15.77
C TYR A 90 -17.37 -7.93 16.20
N ASN A 91 -17.58 -7.57 17.44
CA ASN A 91 -17.00 -6.31 17.96
C ASN A 91 -15.62 -6.67 18.51
N VAL A 92 -14.69 -5.72 18.48
CA VAL A 92 -13.34 -6.00 19.06
C VAL A 92 -13.10 -5.01 20.19
N VAL A 93 -12.61 -5.50 21.32
CA VAL A 93 -12.40 -4.65 22.52
C VAL A 93 -10.96 -4.82 23.00
N PHE A 94 -10.26 -3.73 23.29
CA PHE A 94 -8.84 -3.83 23.67
C PHE A 94 -8.61 -3.37 25.10
N CYS A 95 -7.64 -4.00 25.76
CA CYS A 95 -7.25 -3.66 27.15
C CYS A 95 -5.74 -3.57 27.23
N SER A 96 -5.24 -2.67 28.08
CA SER A 96 -3.78 -2.52 28.29
C SER A 96 -3.42 -2.96 29.71
N SER A 97 -2.42 -3.79 29.88
CA SER A 97 -2.15 -4.20 31.28
C SER A 97 -1.24 -3.20 31.94
N ASN A 98 -0.78 -2.19 31.19
CA ASN A 98 0.14 -1.13 31.68
C ASN A 98 1.42 -1.80 32.20
N ASP A 99 1.69 -3.01 31.70
CA ASP A 99 2.85 -3.88 32.02
C ASP A 99 2.74 -4.52 33.40
N ASN A 100 1.54 -4.48 33.99
CA ASN A 100 1.27 -5.13 35.29
C ASN A 100 0.73 -6.53 34.98
N TYR A 101 1.51 -7.58 35.22
CA TYR A 101 1.09 -8.97 34.93
C TYR A 101 -0.21 -9.30 35.67
N GLU A 102 -0.36 -8.78 36.88
CA GLU A 102 -1.61 -9.08 37.60
C GLU A 102 -2.75 -8.35 36.89
N SER A 103 -2.42 -7.22 36.28
CA SER A 103 -3.45 -6.46 35.52
C SER A 103 -3.86 -7.29 34.30
N LYS A 104 -2.88 -7.91 33.66
CA LYS A 104 -3.14 -8.76 32.49
C LYS A 104 -4.04 -9.90 32.93
N SER A 105 -3.75 -10.49 34.09
CA SER A 105 -4.57 -11.62 34.63
C SER A 105 -6.00 -11.12 34.85
N ARG A 106 -6.12 -9.94 35.41
CA ARG A 106 -7.45 -9.36 35.67
C ARG A 106 -8.21 -9.23 34.36
N TYR A 107 -7.58 -8.69 33.33
CA TYR A 107 -8.27 -8.51 32.03
C TYR A 107 -8.61 -9.87 31.42
N VAL A 108 -7.72 -10.85 31.56
CA VAL A 108 -8.07 -12.17 31.02
C VAL A 108 -9.32 -12.70 31.74
N GLN A 109 -9.39 -12.54 33.06
CA GLN A 109 -10.55 -13.02 33.85
C GLN A 109 -11.79 -12.24 33.41
N TYR A 110 -11.63 -10.95 33.12
CA TYR A 110 -12.79 -10.15 32.68
C TYR A 110 -13.37 -10.76 31.40
N PHE A 111 -12.51 -11.09 30.45
CA PHE A 111 -12.98 -11.62 29.15
C PHE A 111 -13.50 -13.04 29.29
N THR A 112 -12.75 -13.92 29.92
CA THR A 112 -13.18 -15.33 30.07
C THR A 112 -14.40 -15.40 30.99
N GLY A 113 -14.62 -14.36 31.80
CA GLY A 113 -15.76 -14.32 32.72
C GLY A 113 -17.06 -13.94 32.01
N GLY A 114 -17.03 -13.71 30.71
CA GLY A 114 -18.31 -13.39 30.06
C GLY A 114 -18.31 -12.12 29.25
N ALA A 115 -17.30 -11.28 29.39
CA ALA A 115 -17.31 -10.04 28.59
C ALA A 115 -17.05 -10.34 27.11
N ALA A 116 -16.31 -11.40 26.79
CA ALA A 116 -16.04 -11.69 25.37
C ALA A 116 -16.25 -13.17 25.07
N ASP A 117 -16.34 -13.51 23.79
CA ASP A 117 -16.53 -14.91 23.37
C ASP A 117 -15.18 -15.54 23.05
N GLY A 118 -14.14 -14.73 22.91
CA GLY A 118 -12.80 -15.23 22.58
C GLY A 118 -11.74 -14.24 22.97
N LEU A 119 -10.49 -14.65 22.97
CA LEU A 119 -9.40 -13.78 23.44
C LEU A 119 -8.18 -13.88 22.55
N ILE A 120 -7.50 -12.75 22.35
CA ILE A 120 -6.25 -12.70 21.54
C ILE A 120 -5.15 -12.09 22.41
N LEU A 121 -3.98 -12.72 22.42
CA LEU A 121 -2.82 -12.21 23.16
C LEU A 121 -1.67 -12.08 22.17
N PHE A 122 -0.80 -11.09 22.36
CA PHE A 122 0.34 -10.89 21.44
C PHE A 122 1.66 -11.25 22.11
N GLY A 123 2.59 -11.76 21.32
CA GLY A 123 3.95 -11.99 21.82
C GLY A 123 4.23 -13.36 22.39
N SER A 124 5.44 -13.52 22.90
CA SER A 124 5.97 -14.78 23.46
C SER A 124 6.77 -14.50 24.72
N ASP A 125 6.14 -13.91 25.74
CA ASP A 125 6.86 -13.65 27.01
C ASP A 125 6.68 -14.87 27.89
N THR A 126 7.76 -15.43 28.41
CA THR A 126 7.69 -16.66 29.24
C THR A 126 6.95 -16.41 30.55
N ARG A 127 6.81 -15.14 30.92
CA ARG A 127 6.06 -14.80 32.15
C ARG A 127 4.62 -15.31 32.01
N ASP A 128 4.06 -15.20 30.80
CA ASP A 128 2.64 -15.54 30.56
C ASP A 128 2.43 -17.02 30.28
N LYS A 129 3.48 -17.83 30.31
CA LYS A 129 3.31 -19.27 29.99
C LYS A 129 2.26 -19.91 30.89
N GLU A 130 2.30 -19.67 32.19
CA GLU A 130 1.30 -20.36 33.04
C GLU A 130 -0.08 -19.81 32.76
N LEU A 131 -0.18 -18.50 32.54
CA LEU A 131 -1.51 -17.91 32.24
C LEU A 131 -2.08 -18.57 31.00
N VAL A 132 -1.28 -18.68 29.95
CA VAL A 132 -1.78 -19.28 28.68
C VAL A 132 -2.23 -20.71 28.93
N LYS A 133 -1.46 -21.48 29.69
CA LYS A 133 -1.84 -22.88 29.97
C LYS A 133 -3.17 -22.92 30.70
N ARG A 134 -3.39 -21.98 31.60
CA ARG A 134 -4.66 -21.94 32.37
C ARG A 134 -5.83 -21.69 31.42
N ILE A 135 -5.68 -20.70 30.55
CA ILE A 135 -6.75 -20.36 29.58
C ILE A 135 -7.02 -21.61 28.75
N LEU A 136 -5.96 -22.32 28.37
CA LEU A 136 -6.11 -23.53 27.52
C LEU A 136 -6.75 -24.68 28.30
N LYS A 137 -6.65 -24.73 29.63
CA LYS A 137 -7.32 -25.88 30.31
C LYS A 137 -8.81 -25.63 30.22
N THR A 138 -9.22 -24.39 30.42
CA THR A 138 -10.63 -24.04 30.19
C THR A 138 -10.80 -24.04 28.67
N GLY A 139 -11.95 -24.39 28.14
CA GLY A 139 -11.99 -24.42 26.66
C GLY A 139 -12.18 -23.07 26.01
N PHE A 140 -11.83 -21.96 26.67
CA PHE A 140 -12.11 -20.61 26.11
C PHE A 140 -11.37 -20.37 24.79
N PRO A 141 -12.00 -19.90 23.59
CA PRO A 141 -11.52 -19.49 22.03
C PRO A 141 -10.28 -18.63 22.32
N LEU A 142 -9.11 -19.12 21.98
CA LEU A 142 -7.85 -18.36 22.22
C LEU A 142 -6.99 -18.37 20.96
N VAL A 143 -6.54 -17.20 20.54
CA VAL A 143 -5.65 -17.08 19.37
C VAL A 143 -4.45 -16.23 19.78
N LEU A 144 -3.27 -16.74 19.54
CA LEU A 144 -2.03 -16.02 19.89
C LEU A 144 -1.39 -15.47 18.63
N ILE A 145 -0.66 -14.38 18.75
CA ILE A 145 0.04 -13.80 17.58
C ILE A 145 1.52 -13.70 17.92
N GLU A 146 2.37 -14.22 17.04
CA GLU A 146 3.83 -14.19 17.22
C GLU A 146 4.21 -14.86 18.54
N ASN A 147 3.60 -16.01 18.83
CA ASN A 147 3.91 -16.77 20.07
C ASN A 147 4.78 -17.96 19.71
N TYR A 148 5.83 -18.21 20.51
CA TYR A 148 6.75 -19.34 20.26
C TYR A 148 6.89 -20.28 21.47
N PHE A 149 5.84 -20.36 22.31
CA PHE A 149 5.84 -21.29 23.47
C PHE A 149 5.96 -22.72 22.96
N ASN A 150 6.85 -23.49 23.56
CA ASN A 150 7.20 -24.87 23.12
C ASN A 150 6.20 -25.95 23.53
N ASP A 151 5.55 -25.87 24.69
CA ASP A 151 4.73 -27.09 25.02
C ASP A 151 3.22 -26.86 24.99
N ILE A 152 2.68 -26.18 23.98
CA ILE A 152 1.21 -26.01 24.00
C ILE A 152 0.66 -26.26 22.60
N ASN A 153 -0.65 -26.51 22.53
CA ASN A 153 -1.39 -26.69 21.28
C ASN A 153 -2.38 -25.53 21.19
N VAL A 154 -1.98 -24.42 20.56
CA VAL A 154 -2.83 -23.20 20.50
C VAL A 154 -2.90 -22.66 19.08
N ASN A 155 -3.98 -21.95 18.79
CA ASN A 155 -4.11 -21.24 17.49
C ASN A 155 -3.01 -20.18 17.51
N ASP A 156 -2.18 -20.13 16.48
CA ASP A 156 -1.07 -19.17 16.56
C ASP A 156 -0.82 -18.61 15.16
N VAL A 157 -0.75 -17.30 15.06
CA VAL A 157 -0.44 -16.66 13.76
C VAL A 157 0.96 -16.06 13.90
N ILE A 158 1.90 -16.52 13.09
CA ILE A 158 3.30 -16.07 13.23
C ILE A 158 3.84 -15.45 11.95
N ILE A 159 4.97 -14.79 12.09
CA ILE A 159 5.67 -14.15 10.96
C ILE A 159 6.99 -14.90 10.77
N ASN A 160 7.40 -15.10 9.54
CA ASN A 160 8.66 -15.82 9.29
C ASN A 160 9.85 -14.88 9.47
N ASN A 161 10.27 -14.69 10.71
CA ASN A 161 11.40 -13.80 11.04
C ASN A 161 12.69 -14.34 10.41
N PHE A 162 12.87 -15.66 10.40
CA PHE A 162 14.10 -16.27 9.85
C PHE A 162 14.29 -15.87 8.38
N SER A 163 13.29 -16.12 7.55
CA SER A 163 13.39 -15.84 6.11
C SER A 163 13.43 -14.34 5.83
N GLY A 164 12.86 -13.54 6.70
CA GLY A 164 12.93 -12.09 6.51
C GLY A 164 14.36 -11.63 6.58
N ALA A 165 15.09 -12.14 7.57
CA ALA A 165 16.52 -11.81 7.75
C ALA A 165 17.30 -12.39 6.58
N VAL A 166 16.95 -13.57 6.11
CA VAL A 166 17.64 -14.15 4.95
C VAL A 166 17.43 -13.22 3.75
N ASN A 167 16.20 -12.76 3.54
CA ASN A 167 15.92 -11.88 2.38
C ASN A 167 16.65 -10.54 2.54
N ALA A 168 16.77 -10.04 3.75
CA ALA A 168 17.46 -8.76 3.98
C ALA A 168 18.92 -8.90 3.55
N VAL A 169 19.59 -9.93 4.04
CA VAL A 169 21.03 -10.17 3.75
C VAL A 169 21.23 -10.50 2.28
N ASN A 170 20.33 -11.26 1.68
CA ASN A 170 20.46 -11.59 0.24
C ASN A 170 20.47 -10.29 -0.56
N TYR A 171 19.63 -9.34 -0.17
CA TYR A 171 19.53 -8.04 -0.88
C TYR A 171 20.86 -7.28 -0.78
N LEU A 172 21.45 -7.24 0.41
CA LEU A 172 22.74 -6.52 0.57
C LEU A 172 23.84 -7.21 -0.25
N VAL A 173 23.82 -8.54 -0.30
CA VAL A 173 24.83 -9.31 -1.07
C VAL A 173 24.61 -8.99 -2.55
N GLY A 174 23.36 -8.89 -2.97
CA GLY A 174 23.04 -8.57 -4.37
C GLY A 174 23.55 -7.19 -4.74
N LEU A 175 23.66 -6.31 -3.75
CA LEU A 175 24.16 -4.93 -3.95
C LEU A 175 25.69 -4.93 -3.96
N GLY A 176 26.31 -6.08 -3.72
CA GLY A 176 27.77 -6.20 -3.77
C GLY A 176 28.43 -6.18 -2.40
N HIS A 177 27.65 -6.14 -1.33
CA HIS A 177 28.26 -6.08 0.03
C HIS A 177 28.81 -7.45 0.41
N ARG A 178 30.02 -7.48 0.97
CA ARG A 178 30.68 -8.73 1.40
C ARG A 178 30.90 -8.67 2.91
N LYS A 179 30.99 -7.46 3.45
CA LYS A 179 31.20 -7.30 4.91
C LYS A 179 29.88 -6.79 5.51
N ILE A 180 29.03 -7.72 5.92
CA ILE A 180 27.68 -7.38 6.44
C ILE A 180 27.56 -7.71 7.93
N ALA A 181 27.33 -6.70 8.74
CA ALA A 181 27.21 -6.86 10.19
C ALA A 181 25.74 -7.06 10.58
N HIS A 182 25.52 -7.48 11.81
CA HIS A 182 24.17 -7.65 12.36
C HIS A 182 24.14 -7.14 13.79
N ILE A 183 23.21 -6.24 14.09
CA ILE A 183 23.00 -5.75 15.47
C ILE A 183 21.75 -6.50 15.93
N THR A 184 21.88 -7.35 16.93
CA THR A 184 20.76 -8.23 17.32
C THR A 184 19.81 -7.59 18.33
N GLY A 185 18.70 -8.27 18.51
CA GLY A 185 17.77 -7.99 19.61
C GLY A 185 18.11 -8.91 20.78
N ASN A 186 17.31 -8.88 21.83
CA ASN A 186 17.57 -9.80 22.96
C ASN A 186 17.37 -11.22 22.42
N VAL A 187 18.45 -11.98 22.29
CA VAL A 187 18.40 -13.36 21.73
C VAL A 187 17.67 -14.34 22.65
N ASN A 188 17.23 -13.91 23.82
CA ASN A 188 16.47 -14.82 24.70
C ASN A 188 15.06 -14.96 24.12
N HIS A 189 14.64 -13.96 23.33
CA HIS A 189 13.33 -13.95 22.64
C HIS A 189 13.48 -14.64 21.29
N ARG A 190 12.57 -15.54 20.93
CA ARG A 190 12.69 -16.30 19.67
C ARG A 190 12.81 -15.40 18.44
N ALA A 191 12.06 -14.32 18.38
CA ALA A 191 12.09 -13.48 17.16
C ALA A 191 13.50 -12.94 16.90
N ALA A 192 14.16 -12.44 17.94
CA ALA A 192 15.52 -11.89 17.79
C ALA A 192 16.47 -13.02 17.40
N LEU A 193 16.30 -14.18 18.02
CA LEU A 193 17.17 -15.33 17.72
C LEU A 193 16.91 -15.77 16.28
N GLU A 194 15.65 -15.75 15.85
CA GLU A 194 15.31 -16.15 14.47
C GLU A 194 15.93 -15.17 13.48
N ARG A 195 15.91 -13.88 13.81
CA ARG A 195 16.52 -12.89 12.90
C ARG A 195 18.04 -13.09 12.88
N LEU A 196 18.64 -13.39 14.01
CA LEU A 196 20.10 -13.63 14.05
C LEU A 196 20.42 -14.89 13.25
N ASN A 197 19.64 -15.95 13.42
CA ASN A 197 19.90 -17.23 12.72
C ASN A 197 19.73 -17.06 11.21
N GLY A 198 18.77 -16.25 10.80
CA GLY A 198 18.56 -16.05 9.35
C GLY A 198 19.75 -15.33 8.75
N TYR A 199 20.31 -14.40 9.49
CA TYR A 199 21.47 -13.63 9.00
C TYR A 199 22.65 -14.58 8.80
N ILE A 200 22.88 -15.43 9.79
CA ILE A 200 23.99 -16.44 9.75
C ILE A 200 23.79 -17.35 8.56
N ARG A 201 22.60 -17.92 8.41
CA ARG A 201 22.33 -18.83 7.30
C ARG A 201 22.48 -18.09 5.97
N ALA A 202 22.07 -16.84 5.93
CA ALA A 202 22.17 -16.07 4.68
C ALA A 202 23.64 -15.85 4.33
N LEU A 203 24.48 -15.58 5.31
CA LEU A 203 25.92 -15.41 5.03
C LEU A 203 26.44 -16.70 4.37
N ASN A 204 26.12 -17.84 4.98
CA ASN A 204 26.57 -19.16 4.51
C ASN A 204 26.07 -19.46 3.10
N GLU A 205 24.79 -19.17 2.80
CA GLU A 205 24.24 -19.46 1.46
C GLU A 205 24.85 -18.54 0.41
N ASN A 206 25.39 -17.40 0.81
CA ASN A 206 25.95 -16.46 -0.19
C ASN A 206 27.47 -16.65 -0.27
N GLY A 207 27.97 -17.73 0.33
CA GLY A 207 29.41 -18.04 0.28
C GLY A 207 30.25 -17.01 1.00
N LEU A 208 29.73 -16.45 2.07
CA LEU A 208 30.51 -15.47 2.87
C LEU A 208 30.84 -16.13 4.20
N ALA A 209 31.94 -15.74 4.80
CA ALA A 209 32.37 -16.30 6.09
C ALA A 209 31.66 -15.58 7.22
N TYR A 210 31.41 -16.27 8.32
CA TYR A 210 30.78 -15.66 9.51
C TYR A 210 31.90 -15.02 10.31
N SER A 211 31.67 -13.82 10.83
CA SER A 211 32.70 -13.13 11.63
C SER A 211 32.06 -12.64 12.91
N LYS A 212 32.54 -13.12 14.05
CA LYS A 212 31.95 -12.76 15.36
C LYS A 212 32.01 -11.27 15.60
N GLU A 213 33.00 -10.60 15.04
CA GLU A 213 33.20 -9.15 15.27
C GLU A 213 32.09 -8.34 14.59
N TYR A 214 31.45 -8.91 13.57
CA TYR A 214 30.36 -8.21 12.86
C TYR A 214 29.02 -8.49 13.53
N VAL A 215 29.00 -9.21 14.64
CA VAL A 215 27.70 -9.46 15.33
C VAL A 215 27.72 -8.79 16.70
N ILE A 216 26.91 -7.76 16.89
CA ILE A 216 26.86 -7.04 18.19
C ILE A 216 25.59 -7.46 18.91
N ASN A 217 25.72 -8.15 20.03
CA ASN A 217 24.55 -8.61 20.81
C ASN A 217 24.07 -7.45 21.68
N THR A 218 22.79 -7.14 21.61
CA THR A 218 22.16 -6.08 22.43
C THR A 218 20.82 -6.60 22.95
N ASP A 219 20.24 -5.87 23.88
CA ASP A 219 18.90 -6.22 24.44
C ASP A 219 17.84 -5.45 23.67
N SER A 220 18.23 -4.77 22.59
CA SER A 220 17.33 -4.02 21.68
C SER A 220 16.69 -2.82 22.36
N GLY A 221 17.28 -2.31 23.43
CA GLY A 221 16.72 -1.15 24.14
C GLY A 221 17.10 0.18 23.50
N GLU A 222 16.63 1.29 24.07
CA GLU A 222 16.92 2.64 23.55
C GLU A 222 18.43 2.86 23.53
N GLN A 223 18.92 3.46 22.44
CA GLN A 223 20.34 3.79 22.14
C GLN A 223 21.15 2.53 21.84
N SER A 224 20.53 1.35 21.80
CA SER A 224 21.32 0.13 21.51
C SER A 224 21.97 0.23 20.13
N GLY A 225 21.28 0.84 19.18
CA GLY A 225 21.84 0.99 17.83
C GLY A 225 23.02 1.94 17.79
N CYS A 226 22.95 3.04 18.53
CA CYS A 226 24.06 4.02 18.52
C CYS A 226 25.34 3.38 19.04
N LYS A 227 25.24 2.67 20.15
CA LYS A 227 26.43 2.04 20.77
C LYS A 227 26.96 0.95 19.84
N ALA A 228 26.06 0.17 19.26
CA ALA A 228 26.48 -0.92 18.36
C ALA A 228 27.22 -0.33 17.17
N ALA A 229 26.70 0.75 16.62
CA ALA A 229 27.34 1.38 15.44
C ALA A 229 28.72 1.88 15.80
N ASP A 230 28.88 2.41 17.01
CA ASP A 230 30.20 2.91 17.44
C ASP A 230 31.20 1.75 17.41
N GLN A 231 30.81 0.60 17.96
CA GLN A 231 31.76 -0.53 17.98
C GLN A 231 32.10 -0.98 16.56
N LEU A 232 31.09 -1.12 15.71
CA LEU A 232 31.31 -1.65 14.34
C LEU A 232 32.16 -0.70 13.51
N LEU A 233 31.92 0.60 13.59
CA LEU A 233 32.64 1.56 12.73
C LEU A 233 34.06 1.82 13.25
N LYS A 234 34.34 1.42 14.48
CA LYS A 234 35.69 1.65 15.05
C LYS A 234 36.54 0.39 14.86
N LEU A 235 36.06 -0.57 14.09
CA LEU A 235 36.83 -1.80 13.82
C LEU A 235 37.96 -1.48 12.84
N LYS A 236 38.99 -2.32 12.84
CA LYS A 236 40.12 -2.20 11.90
C LYS A 236 39.51 -2.18 10.49
N GLU A 237 38.73 -3.21 10.19
CA GLU A 237 38.03 -3.36 8.90
C GLU A 237 36.53 -3.23 9.16
N PRO A 238 35.81 -1.98 9.21
CA PRO A 238 34.22 -1.49 9.48
C PRO A 238 33.49 -2.32 8.43
N PRO A 239 32.22 -2.94 8.66
CA PRO A 239 31.06 -3.74 7.74
C PRO A 239 30.74 -2.63 6.74
N THR A 240 30.53 -2.97 5.47
CA THR A 240 30.11 -1.92 4.51
C THR A 240 28.57 -1.80 4.58
N ALA A 241 27.94 -2.74 5.25
CA ALA A 241 26.46 -2.77 5.38
C ALA A 241 26.07 -3.43 6.70
N VAL A 242 24.93 -3.07 7.24
CA VAL A 242 24.47 -3.70 8.50
C VAL A 242 22.97 -3.96 8.44
N PHE A 243 22.58 -5.13 8.92
CA PHE A 243 21.16 -5.52 9.07
C PHE A 243 20.85 -5.41 10.56
N THR A 244 19.92 -4.54 10.91
CA THR A 244 19.56 -4.34 12.33
C THR A 244 18.32 -5.15 12.65
N PHE A 245 18.17 -5.54 13.90
CA PHE A 245 17.02 -6.34 14.36
C PHE A 245 15.72 -5.56 14.15
N ASN A 246 15.77 -4.25 14.29
CA ASN A 246 14.57 -3.42 14.06
C ASN A 246 14.94 -2.05 13.50
N ASP A 247 13.93 -1.32 13.03
CA ASP A 247 14.07 0.02 12.40
C ASP A 247 14.61 1.02 13.41
N MET A 248 14.22 0.89 14.66
CA MET A 248 14.69 1.85 15.69
C MET A 248 16.22 1.77 15.76
N GLN A 249 16.76 0.57 15.77
CA GLN A 249 18.24 0.44 15.81
C GLN A 249 18.80 0.99 14.51
N GLY A 250 18.16 0.70 13.39
CA GLY A 250 18.62 1.20 12.10
C GLY A 250 18.72 2.71 12.07
N TYR A 251 17.68 3.41 12.54
CA TYR A 251 17.72 4.90 12.53
C TYR A 251 18.81 5.41 13.47
N GLU A 252 18.97 4.73 14.59
CA GLU A 252 20.02 5.10 15.57
C GLU A 252 21.38 4.91 14.91
N VAL A 253 21.53 3.86 14.10
CA VAL A 253 22.80 3.59 13.40
C VAL A 253 23.11 4.73 12.44
N ILE A 254 22.13 5.12 11.63
CA ILE A 254 22.28 6.22 10.65
C ILE A 254 22.72 7.49 11.38
N GLN A 255 22.09 7.80 12.52
CA GLN A 255 22.42 9.03 13.27
C GLN A 255 23.84 8.97 13.83
N ARG A 256 24.20 7.88 14.49
CA ARG A 256 25.55 7.78 15.07
C ARG A 256 26.59 7.84 13.95
N ALA A 257 26.32 7.20 12.83
CA ALA A 257 27.26 7.20 11.70
C ALA A 257 27.48 8.64 11.25
N SER A 258 26.41 9.42 11.21
CA SER A 258 26.47 10.83 10.78
C SER A 258 27.36 11.61 11.74
N GLU A 259 27.25 11.32 13.03
CA GLU A 259 28.03 12.05 14.06
C GLU A 259 29.52 11.74 13.91
N LEU A 260 29.85 10.58 13.37
CA LEU A 260 31.26 10.19 13.18
C LEU A 260 31.73 10.65 11.81
N GLY A 261 30.99 11.54 11.18
CA GLY A 261 31.36 12.09 9.87
C GLY A 261 31.16 11.09 8.74
N LEU A 262 30.25 10.15 8.89
CA LEU A 262 30.01 9.20 7.78
C LEU A 262 28.72 9.61 7.08
N SER A 263 28.57 9.28 5.82
CA SER A 263 27.31 9.62 5.11
C SER A 263 26.58 8.33 4.76
N VAL A 264 25.34 8.17 5.17
CA VAL A 264 24.56 6.95 4.81
C VAL A 264 23.73 7.32 3.59
N PRO A 265 23.60 6.32 2.55
CA PRO A 265 24.14 4.77 2.24
C PRO A 265 25.59 4.77 1.75
N ARG A 266 26.13 5.92 1.37
CA ARG A 266 27.49 5.99 0.79
C ARG A 266 28.54 5.28 1.64
N ASP A 267 28.68 5.64 2.90
CA ASP A 267 29.70 5.01 3.76
C ASP A 267 29.17 3.77 4.44
N LEU A 268 27.86 3.58 4.50
CA LEU A 268 27.29 2.39 5.19
C LEU A 268 25.85 2.14 4.75
N SER A 269 25.59 0.96 4.21
CA SER A 269 24.21 0.60 3.82
C SER A 269 23.51 0.01 5.04
N VAL A 270 22.24 0.35 5.24
CA VAL A 270 21.52 -0.14 6.44
C VAL A 270 20.18 -0.75 6.07
N VAL A 271 19.89 -1.92 6.60
CA VAL A 271 18.59 -2.58 6.36
C VAL A 271 18.01 -2.95 7.71
N GLY A 272 16.78 -2.53 7.96
CA GLY A 272 16.13 -2.81 9.24
C GLY A 272 14.99 -3.77 9.09
N PHE A 273 14.16 -3.82 10.12
CA PHE A 273 12.97 -4.68 10.21
C PHE A 273 11.87 -3.87 10.89
N ASP A 274 10.62 -4.02 10.43
CA ASP A 274 9.30 -3.44 10.83
C ASP A 274 8.76 -2.41 9.83
N ASN A 275 9.60 -1.72 9.05
CA ASN A 275 9.12 -0.66 8.13
C ASN A 275 8.28 0.33 8.96
N ILE A 276 8.82 0.71 10.12
CA ILE A 276 8.18 1.56 11.16
C ILE A 276 7.71 2.89 10.60
N TYR A 277 8.26 3.30 9.46
CA TYR A 277 7.92 4.58 8.82
C TYR A 277 6.45 4.59 8.46
N ASP A 278 5.89 3.41 8.25
CA ASP A 278 4.46 3.23 7.90
C ASP A 278 3.58 3.86 8.96
N ILE A 279 4.02 3.90 10.21
CA ILE A 279 3.14 4.49 11.26
C ILE A 279 3.48 5.97 11.46
N PHE A 280 4.44 6.47 10.71
CA PHE A 280 4.74 7.92 10.78
C PHE A 280 3.83 8.57 9.76
N ARG A 281 2.99 9.49 10.21
CA ARG A 281 2.10 10.20 9.26
C ARG A 281 2.85 11.46 8.80
N PHE A 282 4.19 11.42 8.84
CA PHE A 282 5.04 12.57 8.44
C PHE A 282 6.40 12.07 7.96
N ILE A 283 7.18 12.97 7.34
CA ILE A 283 8.53 12.66 6.76
C ILE A 283 9.63 13.29 7.60
N PRO A 284 10.25 12.64 8.73
CA PRO A 284 11.44 13.00 9.86
C PRO A 284 12.73 13.24 9.07
N SER A 285 13.00 12.41 8.06
CA SER A 285 14.31 12.49 7.35
C SER A 285 14.21 12.07 5.89
N ASN A 286 15.25 12.37 5.12
CA ASN A 286 15.32 12.03 3.68
C ASN A 286 15.85 10.61 3.54
N VAL A 287 16.44 10.07 4.61
CA VAL A 287 16.95 8.68 4.57
C VAL A 287 15.91 7.78 5.21
N ARG A 288 15.14 7.10 4.39
CA ARG A 288 14.15 6.13 4.91
C ARG A 288 14.79 4.75 4.79
N LEU A 289 14.62 3.95 5.83
CA LEU A 289 15.22 2.61 5.90
C LEU A 289 14.62 1.64 4.89
N THR A 290 15.51 0.97 4.16
CA THR A 290 15.11 -0.24 3.41
C THR A 290 14.85 -1.22 4.55
N SER A 291 13.70 -1.86 4.60
CA SER A 291 13.37 -2.67 5.79
C SER A 291 12.34 -3.76 5.48
N MET A 292 12.29 -4.80 6.30
CA MET A 292 11.32 -5.89 6.11
C MET A 292 9.95 -5.44 6.64
N LYS A 293 8.92 -5.55 5.81
CA LYS A 293 7.54 -5.16 6.17
C LYS A 293 6.83 -6.37 6.77
N GLN A 294 6.23 -6.22 7.93
CA GLN A 294 5.47 -7.36 8.50
C GLN A 294 4.08 -7.34 7.86
N PRO A 295 3.42 -8.53 7.40
CA PRO A 295 1.96 -8.94 6.66
C PRO A 295 0.92 -8.78 7.78
N MET A 296 0.89 -7.62 8.42
CA MET A 296 -0.04 -7.37 9.55
C MET A 296 -1.49 -7.46 9.09
N GLU A 297 -1.78 -7.03 7.87
CA GLU A 297 -3.17 -7.14 7.38
C GLU A 297 -3.53 -8.62 7.28
N LYS A 298 -2.63 -9.43 6.71
CA LYS A 298 -2.88 -10.87 6.55
C LYS A 298 -2.91 -11.55 7.92
N VAL A 299 -2.04 -11.13 8.82
CA VAL A 299 -1.99 -11.75 10.16
C VAL A 299 -3.31 -11.49 10.88
N ALA A 300 -3.78 -10.25 10.86
CA ALA A 300 -5.05 -9.91 11.52
C ALA A 300 -6.18 -10.74 10.91
N GLU A 301 -6.27 -10.80 9.59
CA GLU A 301 -7.37 -11.56 8.96
C GLU A 301 -7.30 -13.02 9.41
N ALA A 302 -6.11 -13.62 9.37
CA ALA A 302 -5.97 -15.04 9.75
C ALA A 302 -6.35 -15.23 11.22
N ALA A 303 -5.95 -14.31 12.08
CA ALA A 303 -6.27 -14.43 13.52
C ALA A 303 -7.79 -14.43 13.70
N ILE A 304 -8.46 -13.53 13.02
CA ILE A 304 -9.93 -13.45 13.19
C ILE A 304 -10.59 -14.68 12.59
N GLN A 305 -10.09 -15.19 11.47
CA GLN A 305 -10.70 -16.40 10.89
C GLN A 305 -10.54 -17.57 11.86
N LEU A 306 -9.39 -17.69 12.51
CA LEU A 306 -9.19 -18.80 13.46
C LEU A 306 -10.09 -18.58 14.66
N MET A 307 -10.24 -17.35 15.09
CA MET A 307 -11.05 -17.06 16.29
C MET A 307 -12.52 -17.37 16.03
N VAL A 308 -13.06 -16.90 14.92
CA VAL A 308 -14.50 -17.13 14.63
C VAL A 308 -14.74 -18.64 14.53
N ALA A 309 -13.87 -19.38 13.86
CA ALA A 309 -14.05 -20.83 13.74
C ALA A 309 -14.00 -21.47 15.12
N ASN A 310 -13.12 -20.98 15.98
CA ASN A 310 -12.95 -21.54 17.34
C ASN A 310 -14.19 -21.28 18.18
N ILE A 311 -14.75 -20.09 18.08
CA ILE A 311 -15.96 -19.75 18.86
C ILE A 311 -17.11 -20.63 18.36
N ASP A 312 -17.19 -20.82 17.05
CA ASP A 312 -18.29 -21.58 16.43
C ASP A 312 -18.18 -23.08 16.74
N ASN A 313 -16.96 -23.58 16.86
CA ASN A 313 -16.78 -25.03 17.07
C ASN A 313 -15.69 -25.27 18.11
N ALA A 314 -16.09 -25.69 19.30
CA ALA A 314 -15.16 -25.94 20.42
C ALA A 314 -14.21 -27.10 20.08
N ASP A 315 -14.57 -27.93 19.11
CA ASP A 315 -13.69 -29.09 18.84
C ASP A 315 -12.77 -28.80 17.67
N GLU A 316 -12.74 -27.56 17.19
CA GLU A 316 -11.81 -27.19 16.10
C GLU A 316 -10.40 -27.42 16.63
N GLN A 317 -9.57 -28.10 15.87
CA GLN A 317 -8.18 -28.32 16.33
C GLN A 317 -7.38 -27.04 16.11
N PRO A 318 -6.44 -26.53 17.07
CA PRO A 318 -5.33 -25.28 17.21
C PRO A 318 -4.62 -25.38 15.87
N LYS A 319 -4.48 -24.27 15.17
CA LYS A 319 -3.74 -24.27 13.89
C LYS A 319 -2.63 -23.24 13.98
N VAL A 320 -1.52 -23.49 13.32
CA VAL A 320 -0.41 -22.52 13.26
C VAL A 320 -0.33 -22.03 11.82
N ILE A 321 -0.47 -20.73 11.62
CA ILE A 321 -0.41 -20.12 10.28
C ILE A 321 0.75 -19.13 10.24
N SER A 322 1.59 -19.22 9.23
CA SER A 322 2.78 -18.35 9.09
C SER A 322 2.65 -17.47 7.85
N PHE A 323 3.20 -16.27 7.93
CA PHE A 323 3.19 -15.32 6.80
C PHE A 323 4.58 -14.77 6.59
N GLU A 324 4.94 -14.56 5.32
CA GLU A 324 6.27 -14.06 4.97
C GLU A 324 6.26 -12.54 5.07
N THR A 325 7.42 -11.97 5.38
CA THR A 325 7.60 -10.50 5.36
C THR A 325 7.94 -10.09 3.92
N GLU A 326 7.96 -8.80 3.66
CA GLU A 326 8.24 -8.30 2.30
C GLU A 326 9.26 -7.19 2.42
N LEU A 327 10.21 -7.14 1.50
CA LEU A 327 11.26 -6.11 1.56
C LEU A 327 10.70 -4.79 1.05
N PHE A 328 10.88 -3.73 1.81
CA PHE A 328 10.49 -2.38 1.37
C PHE A 328 11.79 -1.64 1.01
N HIS A 329 11.89 -1.17 -0.23
CA HIS A 329 13.10 -0.46 -0.71
C HIS A 329 13.02 1.03 -0.35
N GLY A 330 13.91 1.48 0.52
CA GLY A 330 13.99 2.88 0.94
C GLY A 330 15.19 3.58 0.33
N THR A 331 15.81 4.47 1.07
CA THR A 331 16.96 5.23 0.52
C THR A 331 18.19 5.03 1.39
N SER A 332 18.23 3.95 2.18
CA SER A 332 19.36 3.70 3.10
C SER A 332 20.39 2.71 2.54
N CYS A 333 20.29 2.35 1.27
CA CYS A 333 21.26 1.37 0.73
C CYS A 333 21.85 1.85 -0.59
N CYS A 334 23.07 1.43 -0.90
CA CYS A 334 23.66 1.76 -2.21
C CYS A 334 24.64 0.66 -2.60
N GLU A 335 24.93 0.59 -3.90
CA GLU A 335 25.78 -0.47 -4.47
C GLU A 335 27.21 -0.37 -3.96
N ARG A 336 27.86 -1.51 -3.84
CA ARG A 336 29.28 -1.60 -3.47
C ARG A 336 30.08 -2.07 -4.69
N LYS A 337 31.11 -1.30 -5.04
CA LYS A 337 32.04 -1.60 -6.16
C LYS A 337 31.23 -1.90 -7.42
N GLY B 60 -16.19 -2.49 38.00
CA GLY B 60 -16.76 -1.44 37.13
C GLY B 60 -16.01 -1.32 35.83
N VAL B 61 -16.66 -0.83 34.78
CA VAL B 61 -15.99 -0.73 33.45
C VAL B 61 -16.19 0.67 32.86
N ILE B 62 -15.09 1.29 32.45
CA ILE B 62 -15.12 2.59 31.74
C ILE B 62 -14.73 2.29 30.30
N GLY B 63 -15.55 2.72 29.36
CA GLY B 63 -15.28 2.46 27.94
C GLY B 63 -14.69 3.67 27.25
N VAL B 64 -13.77 3.43 26.32
CA VAL B 64 -13.14 4.53 25.54
C VAL B 64 -13.30 4.20 24.07
N VAL B 65 -13.84 5.12 23.27
CA VAL B 65 -13.96 4.86 21.82
C VAL B 65 -12.98 5.79 21.11
N LEU B 66 -12.19 5.25 20.17
CA LEU B 66 -11.20 6.06 19.41
C LEU B 66 -11.53 5.98 17.93
N ASN B 67 -11.10 6.96 17.15
CA ASN B 67 -11.39 6.88 15.70
C ASN B 67 -10.50 5.78 15.13
N GLU B 68 -9.29 5.66 15.67
CA GLU B 68 -8.34 4.62 15.21
C GLU B 68 -7.14 4.55 16.14
N PHE B 69 -6.39 3.47 16.05
CA PHE B 69 -5.12 3.37 16.79
C PHE B 69 -4.09 4.02 15.89
N ASN B 70 -3.34 4.97 16.42
CA ASN B 70 -2.28 5.69 15.67
C ASN B 70 -1.23 6.15 16.66
N ALA B 71 -0.07 6.58 16.18
CA ALA B 71 1.02 6.97 17.10
C ALA B 71 0.90 8.42 17.55
N SER B 72 -0.25 8.82 18.06
CA SER B 72 -0.35 10.22 18.52
C SER B 72 -0.05 10.28 20.01
N VAL B 73 -0.20 11.47 20.59
CA VAL B 73 0.04 11.68 22.04
C VAL B 73 -1.02 10.92 22.83
N TYR B 74 -2.15 10.60 22.22
CA TYR B 74 -3.26 9.88 22.90
C TYR B 74 -2.85 8.48 23.30
N LEU B 75 -1.80 7.95 22.70
CA LEU B 75 -1.30 6.61 23.06
C LEU B 75 -0.84 6.66 24.51
N LYS B 76 -0.15 7.74 24.89
CA LYS B 76 0.29 7.87 26.30
C LYS B 76 -0.95 8.07 27.17
N LEU B 77 -1.91 8.83 26.69
CA LEU B 77 -3.15 9.08 27.46
C LEU B 77 -3.84 7.75 27.76
N ALA B 78 -3.92 6.88 26.76
CA ALA B 78 -4.57 5.55 26.93
C ALA B 78 -3.92 4.77 28.06
N ASN B 79 -2.61 4.66 28.10
CA ASN B 79 -1.97 3.88 29.18
C ASN B 79 -2.26 4.52 30.53
N TYR B 80 -2.26 5.84 30.59
CA TYR B 80 -2.47 6.56 31.87
C TYR B 80 -3.90 6.36 32.35
N LEU B 81 -4.86 6.21 31.45
CA LEU B 81 -6.26 5.97 31.88
C LEU B 81 -6.33 4.63 32.60
N GLU B 82 -5.57 3.65 32.15
CA GLU B 82 -5.56 2.34 32.81
C GLU B 82 -4.90 2.46 34.18
N LYS B 83 -3.83 3.23 34.29
CA LYS B 83 -3.11 3.40 35.58
C LYS B 83 -4.08 3.98 36.61
N PHE B 84 -4.71 5.10 36.30
CA PHE B 84 -5.60 5.76 37.26
C PHE B 84 -6.90 5.00 37.46
N ALA B 85 -7.44 4.35 36.44
CA ALA B 85 -8.70 3.60 36.64
C ALA B 85 -8.46 2.44 37.61
N TYR B 86 -7.28 1.83 37.52
CA TYR B 86 -6.94 0.69 38.40
C TYR B 86 -6.93 1.19 39.84
N ASN B 87 -6.47 2.42 40.04
CA ASN B 87 -6.42 3.02 41.38
C ASN B 87 -7.84 3.20 41.91
N TYR B 88 -8.82 3.35 41.03
CA TYR B 88 -10.20 3.53 41.53
C TYR B 88 -10.97 2.22 41.37
N ASN B 89 -10.25 1.12 41.19
CA ASN B 89 -10.82 -0.24 41.02
C ASN B 89 -11.79 -0.28 39.85
N TYR B 90 -11.37 0.27 38.70
CA TYR B 90 -12.21 0.26 37.49
C TYR B 90 -11.43 -0.39 36.35
N ASN B 91 -12.13 -1.06 35.44
CA ASN B 91 -11.47 -1.64 34.25
C ASN B 91 -11.65 -0.65 33.12
N VAL B 92 -10.67 -0.54 32.22
CA VAL B 92 -10.81 0.38 31.05
C VAL B 92 -10.77 -0.45 29.79
N VAL B 93 -11.72 -0.23 28.89
CA VAL B 93 -11.80 -1.02 27.64
C VAL B 93 -11.81 -0.05 26.46
N PHE B 94 -11.00 -0.34 25.45
CA PHE B 94 -10.89 0.57 24.30
C PHE B 94 -11.42 -0.11 23.04
N CYS B 95 -11.99 0.69 22.15
CA CYS B 95 -12.51 0.20 20.86
C CYS B 95 -12.02 1.16 19.78
N SER B 96 -11.77 0.67 18.58
CA SER B 96 -11.32 1.53 17.47
C SER B 96 -12.42 1.56 16.43
N SER B 97 -12.74 2.72 15.88
CA SER B 97 -13.84 2.75 14.89
C SER B 97 -13.32 2.65 13.47
N ASN B 98 -12.00 2.55 13.28
CA ASN B 98 -11.33 2.48 11.96
C ASN B 98 -11.73 3.69 11.13
N ASP B 99 -11.91 4.83 11.80
CA ASP B 99 -12.28 6.13 11.18
C ASP B 99 -13.61 6.05 10.44
N ASN B 100 -14.43 5.07 10.81
CA ASN B 100 -15.76 4.85 10.19
C ASN B 100 -16.77 5.28 11.25
N TYR B 101 -17.43 6.43 11.05
CA TYR B 101 -18.39 7.00 12.03
C TYR B 101 -19.52 6.05 12.37
N GLU B 102 -19.89 5.20 11.44
CA GLU B 102 -20.95 4.18 11.68
C GLU B 102 -20.48 3.28 12.82
N SER B 103 -19.22 2.86 12.77
CA SER B 103 -18.63 1.96 13.78
C SER B 103 -18.51 2.70 15.12
N LYS B 104 -18.14 3.97 15.06
CA LYS B 104 -18.00 4.74 16.31
C LYS B 104 -19.34 4.74 17.02
N SER B 105 -20.40 4.99 16.27
CA SER B 105 -21.76 4.98 16.84
C SER B 105 -22.07 3.58 17.36
N ARG B 106 -21.64 2.56 16.64
CA ARG B 106 -21.89 1.17 17.06
C ARG B 106 -21.20 0.93 18.41
N TYR B 107 -19.96 1.39 18.57
CA TYR B 107 -19.24 1.15 19.84
C TYR B 107 -19.85 1.95 20.98
N VAL B 108 -20.34 3.14 20.71
CA VAL B 108 -20.96 3.95 21.79
C VAL B 108 -22.19 3.21 22.30
N GLN B 109 -22.98 2.66 21.37
CA GLN B 109 -24.19 1.89 21.75
C GLN B 109 -23.79 0.66 22.54
N TYR B 110 -22.69 0.02 22.16
CA TYR B 110 -22.27 -1.18 22.90
C TYR B 110 -22.01 -0.77 24.34
N PHE B 111 -21.34 0.35 24.53
CA PHE B 111 -20.97 0.79 25.90
C PHE B 111 -22.18 1.31 26.67
N THR B 112 -22.98 2.19 26.08
CA THR B 112 -24.10 2.79 26.82
C THR B 112 -25.18 1.74 27.07
N GLY B 113 -25.15 0.67 26.28
CA GLY B 113 -26.12 -0.44 26.39
C GLY B 113 -25.78 -1.39 27.51
N GLY B 114 -24.79 -1.11 28.36
CA GLY B 114 -24.58 -2.07 29.45
C GLY B 114 -23.20 -2.64 29.55
N ALA B 115 -22.38 -2.51 28.52
CA ALA B 115 -21.01 -3.07 28.63
C ALA B 115 -20.16 -2.18 29.53
N ALA B 116 -20.52 -0.92 29.68
CA ALA B 116 -19.71 -0.04 30.54
C ALA B 116 -20.58 0.89 31.38
N ASP B 117 -19.99 1.45 32.43
CA ASP B 117 -20.69 2.40 33.31
C ASP B 117 -20.45 3.82 32.80
N GLY B 118 -19.38 4.03 32.04
CA GLY B 118 -19.07 5.38 31.53
C GLY B 118 -18.36 5.35 30.20
N LEU B 119 -18.39 6.47 29.47
CA LEU B 119 -17.75 6.55 28.14
C LEU B 119 -16.82 7.75 28.09
N ILE B 120 -15.67 7.60 27.45
CA ILE B 120 -14.69 8.70 27.25
C ILE B 120 -14.44 8.83 25.75
N LEU B 121 -14.51 10.04 25.22
CA LEU B 121 -14.24 10.30 23.80
C LEU B 121 -13.14 11.35 23.68
N PHE B 122 -12.36 11.32 22.61
CA PHE B 122 -11.26 12.30 22.43
C PHE B 122 -11.53 13.22 21.25
N GLY B 123 -10.97 14.42 21.31
CA GLY B 123 -11.00 15.35 20.17
C GLY B 123 -12.21 16.24 20.06
N SER B 124 -12.21 17.05 19.00
CA SER B 124 -13.26 18.03 18.70
C SER B 124 -13.58 17.97 17.22
N ASP B 125 -14.13 16.85 16.75
CA ASP B 125 -14.50 16.72 15.33
C ASP B 125 -15.96 17.09 15.20
N THR B 126 -16.29 18.01 14.30
CA THR B 126 -17.68 18.50 14.16
C THR B 126 -18.67 17.38 13.82
N ARG B 127 -18.23 16.36 13.10
CA ARG B 127 -19.15 15.28 12.71
C ARG B 127 -19.68 14.59 13.96
N ASP B 128 -18.96 14.70 15.08
CA ASP B 128 -19.39 13.98 16.30
C ASP B 128 -20.32 14.84 17.13
N LYS B 129 -20.62 16.04 16.65
CA LYS B 129 -21.50 16.98 17.40
C LYS B 129 -22.84 16.31 17.69
N GLU B 130 -23.50 15.81 16.65
CA GLU B 130 -24.82 15.18 16.81
C GLU B 130 -24.73 14.01 17.79
N LEU B 131 -23.73 13.14 17.61
CA LEU B 131 -23.53 11.94 18.45
C LEU B 131 -23.35 12.31 19.92
N VAL B 132 -22.53 13.31 20.20
CA VAL B 132 -22.28 13.71 21.61
C VAL B 132 -23.57 14.25 22.22
N LYS B 133 -24.26 15.07 21.44
CA LYS B 133 -25.55 15.66 21.91
C LYS B 133 -26.49 14.50 22.22
N ARG B 134 -26.54 13.54 21.29
CA ARG B 134 -27.38 12.32 21.44
C ARG B 134 -27.05 11.63 22.76
N ILE B 135 -25.76 11.49 23.07
CA ILE B 135 -25.33 10.79 24.33
C ILE B 135 -25.74 11.62 25.53
N LEU B 136 -25.66 12.95 25.39
CA LEU B 136 -25.94 13.87 26.52
C LEU B 136 -27.44 13.90 26.83
N LYS B 137 -28.30 13.54 25.87
CA LYS B 137 -29.75 13.52 26.18
C LYS B 137 -29.96 12.49 27.30
N THR B 138 -29.16 11.44 27.28
CA THR B 138 -29.20 10.40 28.33
C THR B 138 -28.38 10.87 29.52
N GLY B 139 -28.45 10.15 30.62
CA GLY B 139 -27.65 10.58 31.78
C GLY B 139 -26.38 9.75 31.86
N PHE B 140 -26.08 8.98 30.82
CA PHE B 140 -24.90 8.08 30.87
C PHE B 140 -23.67 8.92 31.14
N PRO B 141 -22.84 8.53 32.13
CA PRO B 141 -21.66 9.30 32.46
C PRO B 141 -20.74 9.42 31.23
N LEU B 142 -20.36 10.65 30.92
CA LEU B 142 -19.55 10.93 29.72
C LEU B 142 -18.45 11.92 30.08
N VAL B 143 -17.24 11.65 29.65
CA VAL B 143 -16.12 12.60 29.84
C VAL B 143 -15.42 12.79 28.50
N LEU B 144 -15.23 14.04 28.09
CA LEU B 144 -14.57 14.33 26.80
C LEU B 144 -13.15 14.83 27.07
N ILE B 145 -12.26 14.72 26.09
CA ILE B 145 -10.86 15.18 26.24
C ILE B 145 -10.52 16.07 25.06
N GLU B 146 -10.04 17.27 25.34
CA GLU B 146 -9.68 18.27 24.30
C GLU B 146 -10.88 18.52 23.39
N ASN B 147 -12.07 18.68 23.97
CA ASN B 147 -13.28 18.97 23.14
C ASN B 147 -13.57 20.47 23.24
N TYR B 148 -13.91 21.11 22.12
CA TYR B 148 -14.21 22.56 22.14
C TYR B 148 -15.60 22.84 21.54
N PHE B 149 -16.54 21.92 21.70
CA PHE B 149 -17.90 22.17 21.16
C PHE B 149 -18.53 23.32 21.95
N ASN B 150 -19.11 24.28 21.24
CA ASN B 150 -19.70 25.53 21.80
C ASN B 150 -20.99 25.32 22.60
N ASP B 151 -21.95 24.63 22.02
CA ASP B 151 -23.36 24.58 22.50
C ASP B 151 -23.64 23.54 23.57
N ILE B 152 -22.65 22.89 24.16
CA ILE B 152 -23.01 21.78 25.09
C ILE B 152 -22.40 22.01 26.47
N ASN B 153 -22.93 21.33 27.47
CA ASN B 153 -22.41 21.37 28.86
C ASN B 153 -22.02 19.94 29.23
N VAL B 154 -20.73 19.63 29.18
CA VAL B 154 -20.26 18.24 29.38
C VAL B 154 -18.94 18.27 30.11
N ASN B 155 -18.63 17.20 30.85
CA ASN B 155 -17.32 17.05 31.52
C ASN B 155 -16.25 17.09 30.44
N ASP B 156 -15.30 18.00 30.54
CA ASP B 156 -14.27 18.14 29.49
C ASP B 156 -12.92 18.36 30.15
N VAL B 157 -11.90 17.65 29.72
CA VAL B 157 -10.52 17.89 30.22
C VAL B 157 -9.77 18.43 29.01
N ILE B 158 -9.28 19.67 29.12
CA ILE B 158 -8.62 20.35 27.98
C ILE B 158 -7.20 20.77 28.34
N ILE B 159 -6.46 21.17 27.32
CA ILE B 159 -5.06 21.62 27.43
C ILE B 159 -5.02 23.10 27.07
N ASN B 160 -4.22 23.88 27.77
CA ASN B 160 -4.12 25.33 27.46
C ASN B 160 -3.18 25.52 26.28
N ASN B 161 -3.71 25.35 25.08
CA ASN B 161 -2.92 25.49 23.84
C ASN B 161 -2.39 26.91 23.70
N PHE B 162 -3.21 27.91 24.03
CA PHE B 162 -2.81 29.33 23.91
C PHE B 162 -1.55 29.60 24.73
N SER B 163 -1.59 29.29 26.01
CA SER B 163 -0.43 29.58 26.88
C SER B 163 0.77 28.71 26.47
N GLY B 164 0.52 27.53 25.91
CA GLY B 164 1.64 26.70 25.45
C GLY B 164 2.41 27.42 24.35
N ALA B 165 1.69 28.01 23.41
CA ALA B 165 2.36 28.76 22.32
C ALA B 165 3.05 29.99 22.90
N VAL B 166 2.43 30.64 23.86
CA VAL B 166 3.04 31.85 24.49
C VAL B 166 4.38 31.47 25.11
N ASN B 167 4.40 30.41 25.91
CA ASN B 167 5.63 29.95 26.59
C ASN B 167 6.69 29.56 25.56
N ALA B 168 6.30 28.95 24.44
CA ALA B 168 7.29 28.56 23.42
C ALA B 168 7.96 29.79 22.84
N VAL B 169 7.18 30.81 22.50
CA VAL B 169 7.76 32.05 21.91
C VAL B 169 8.56 32.78 22.98
N ASN B 170 8.07 32.82 24.22
CA ASN B 170 8.82 33.50 25.31
C ASN B 170 10.18 32.84 25.42
N TYR B 171 10.20 31.51 25.36
CA TYR B 171 11.47 30.75 25.45
C TYR B 171 12.39 31.17 24.32
N LEU B 172 11.90 31.25 23.09
CA LEU B 172 12.79 31.64 21.98
C LEU B 172 13.25 33.08 22.15
N VAL B 173 12.40 33.97 22.64
CA VAL B 173 12.78 35.40 22.84
C VAL B 173 13.89 35.44 23.89
N GLY B 174 13.77 34.61 24.91
CA GLY B 174 14.78 34.53 25.98
C GLY B 174 16.11 34.08 25.44
N LEU B 175 16.14 33.39 24.30
CA LEU B 175 17.41 32.92 23.70
C LEU B 175 17.93 33.98 22.74
N GLY B 176 17.26 35.11 22.61
CA GLY B 176 17.75 36.19 21.75
C GLY B 176 17.15 36.22 20.35
N HIS B 177 16.13 35.43 20.08
CA HIS B 177 15.54 35.44 18.72
C HIS B 177 14.53 36.57 18.58
N ARG B 178 14.60 37.33 17.49
CA ARG B 178 13.66 38.45 17.25
C ARG B 178 12.86 38.16 15.99
N LYS B 179 13.35 37.29 15.13
CA LYS B 179 12.63 36.95 13.88
C LYS B 179 12.10 35.54 14.07
N ILE B 180 10.89 35.43 14.61
CA ILE B 180 10.28 34.11 14.94
C ILE B 180 9.06 33.86 14.06
N ALA B 181 9.07 32.75 13.35
CA ALA B 181 7.98 32.38 12.44
C ALA B 181 7.08 31.32 13.08
N HIS B 182 5.90 31.17 12.53
CA HIS B 182 4.98 30.12 13.00
C HIS B 182 4.39 29.38 11.79
N ILE B 183 4.43 28.06 11.87
CA ILE B 183 3.79 27.20 10.84
C ILE B 183 2.55 26.66 11.54
N THR B 184 1.39 27.07 11.06
CA THR B 184 0.10 26.76 11.72
C THR B 184 -0.45 25.38 11.38
N GLY B 185 -1.43 24.96 12.18
CA GLY B 185 -2.27 23.78 11.92
C GLY B 185 -3.54 24.23 11.21
N ASN B 186 -4.54 23.36 11.10
CA ASN B 186 -5.78 23.81 10.43
C ASN B 186 -6.47 24.78 11.38
N VAL B 187 -6.47 26.07 11.05
CA VAL B 187 -7.04 27.15 11.93
C VAL B 187 -8.55 26.99 12.09
N ASN B 188 -9.18 26.13 11.32
CA ASN B 188 -10.64 25.89 11.49
C ASN B 188 -10.83 25.04 12.75
N HIS B 189 -9.76 24.44 13.25
CA HIS B 189 -9.80 23.64 14.50
C HIS B 189 -9.34 24.53 15.66
N ARG B 190 -10.04 24.51 16.78
CA ARG B 190 -9.75 25.38 17.95
C ARG B 190 -8.30 25.25 18.43
N ALA B 191 -7.76 24.05 18.49
CA ALA B 191 -6.39 23.91 19.01
C ALA B 191 -5.42 24.70 18.15
N ALA B 192 -5.50 24.56 16.83
CA ALA B 192 -4.57 25.26 15.93
C ALA B 192 -4.77 26.78 16.03
N LEU B 193 -6.01 27.22 16.10
CA LEU B 193 -6.27 28.67 16.20
C LEU B 193 -5.66 29.20 17.49
N GLU B 194 -5.80 28.44 18.58
CA GLU B 194 -5.26 28.86 19.89
C GLU B 194 -3.73 28.95 19.82
N ARG B 195 -3.08 28.02 19.12
CA ARG B 195 -1.61 28.06 19.05
C ARG B 195 -1.16 29.26 18.21
N LEU B 196 -1.89 29.58 17.16
CA LEU B 196 -1.51 30.75 16.36
C LEU B 196 -1.75 32.01 17.19
N ASN B 197 -2.89 32.07 17.87
CA ASN B 197 -3.23 33.27 18.66
C ASN B 197 -2.21 33.45 19.77
N GLY B 198 -1.78 32.35 20.37
CA GLY B 198 -0.75 32.45 21.42
C GLY B 198 0.53 33.01 20.85
N TYR B 199 0.92 32.57 19.67
CA TYR B 199 2.16 33.06 19.02
C TYR B 199 2.05 34.57 18.80
N ILE B 200 0.91 35.00 18.27
CA ILE B 200 0.70 36.45 18.00
C ILE B 200 0.77 37.24 19.30
N ARG B 201 0.06 36.79 20.34
CA ARG B 201 0.08 37.49 21.64
C ARG B 201 1.52 37.57 22.16
N ALA B 202 2.27 36.49 22.06
CA ALA B 202 3.66 36.48 22.57
C ALA B 202 4.54 37.43 21.77
N LEU B 203 4.32 37.57 20.47
CA LEU B 203 5.15 38.51 19.69
C LEU B 203 4.97 39.91 20.30
N ASN B 204 3.72 40.33 20.45
CA ASN B 204 3.32 41.67 20.97
C ASN B 204 3.82 41.90 22.39
N GLU B 205 3.64 40.94 23.28
CA GLU B 205 4.04 41.06 24.70
C GLU B 205 5.55 41.19 24.81
N ASN B 206 6.28 40.70 23.82
CA ASN B 206 7.76 40.76 23.87
C ASN B 206 8.27 41.93 23.02
N GLY B 207 7.40 42.83 22.60
CA GLY B 207 7.83 43.99 21.80
C GLY B 207 8.33 43.60 20.42
N LEU B 208 7.84 42.50 19.87
CA LEU B 208 8.28 42.09 18.52
C LEU B 208 7.20 42.47 17.51
N ALA B 209 7.60 42.71 16.27
CA ALA B 209 6.65 43.03 15.21
C ALA B 209 6.03 41.74 14.64
N TYR B 210 4.78 41.80 14.27
CA TYR B 210 4.09 40.67 13.60
C TYR B 210 4.31 40.84 12.11
N SER B 211 4.61 39.77 11.40
CA SER B 211 4.79 39.83 9.94
C SER B 211 4.05 38.67 9.29
N LYS B 212 3.21 38.99 8.30
CA LYS B 212 2.37 38.02 7.56
C LYS B 212 3.26 36.97 6.89
N GLU B 213 4.43 37.37 6.46
CA GLU B 213 5.36 36.47 5.74
C GLU B 213 5.95 35.44 6.71
N TYR B 214 5.85 35.69 8.01
CA TYR B 214 6.44 34.74 8.97
C TYR B 214 5.38 33.76 9.44
N VAL B 215 4.17 33.85 8.91
CA VAL B 215 3.10 32.88 9.30
C VAL B 215 2.69 32.07 8.08
N ILE B 216 2.96 30.76 8.08
CA ILE B 216 2.56 29.90 6.94
C ILE B 216 1.33 29.11 7.38
N ASN B 217 0.18 29.40 6.78
CA ASN B 217 -1.06 28.67 7.12
C ASN B 217 -1.03 27.32 6.42
N THR B 218 -1.21 26.24 7.17
CA THR B 218 -1.28 24.89 6.56
C THR B 218 -2.52 24.18 7.09
N ASP B 219 -2.83 23.04 6.48
CA ASP B 219 -3.96 22.17 6.93
C ASP B 219 -3.40 21.13 7.88
N SER B 220 -2.12 21.25 8.24
CA SER B 220 -1.38 20.37 9.19
C SER B 220 -1.14 18.98 8.62
N GLY B 221 -1.28 18.78 7.31
CA GLY B 221 -1.08 17.42 6.77
C GLY B 221 0.38 17.03 6.61
N GLU B 222 0.63 15.81 6.13
CA GLU B 222 2.03 15.35 5.88
C GLU B 222 2.64 16.23 4.79
N GLN B 223 3.93 16.54 4.96
CA GLN B 223 4.81 17.41 4.13
C GLN B 223 4.48 18.89 4.36
N SER B 224 3.53 19.21 5.23
CA SER B 224 3.22 20.65 5.44
C SER B 224 4.45 21.40 5.94
N GLY B 225 5.30 20.75 6.73
CA GLY B 225 6.50 21.41 7.25
C GLY B 225 7.52 21.70 6.18
N CYS B 226 7.70 20.78 5.23
CA CYS B 226 8.69 20.92 4.14
C CYS B 226 8.41 22.16 3.30
N LYS B 227 7.20 22.29 2.78
CA LYS B 227 6.86 23.44 1.93
C LYS B 227 6.85 24.70 2.78
N ALA B 228 6.38 24.61 4.02
CA ALA B 228 6.33 25.81 4.88
C ALA B 228 7.76 26.31 5.10
N ALA B 229 8.68 25.41 5.40
CA ALA B 229 10.07 25.83 5.64
C ALA B 229 10.69 26.39 4.37
N ASP B 230 10.26 25.89 3.22
CA ASP B 230 10.79 26.36 1.93
C ASP B 230 10.39 27.82 1.72
N GLN B 231 9.14 28.16 1.98
CA GLN B 231 8.71 29.57 1.80
C GLN B 231 9.49 30.44 2.77
N LEU B 232 9.54 30.07 4.04
CA LEU B 232 10.23 30.87 5.08
C LEU B 232 11.71 31.07 4.77
N LEU B 233 12.41 30.00 4.42
CA LEU B 233 13.85 30.14 4.17
C LEU B 233 14.11 30.83 2.83
N LYS B 234 13.12 30.96 1.95
CA LYS B 234 13.43 31.65 0.67
C LYS B 234 13.15 33.16 0.80
N LEU B 235 12.79 33.63 1.99
CA LEU B 235 12.49 35.07 2.18
C LEU B 235 13.77 35.91 2.10
N LYS B 236 13.61 37.19 1.78
CA LYS B 236 14.76 38.12 1.74
C LYS B 236 15.37 38.13 3.12
N GLU B 237 14.52 38.15 4.14
CA GLU B 237 14.98 38.13 5.55
C GLU B 237 14.33 36.96 6.24
N PRO B 238 14.91 35.64 6.24
CA PRO B 238 14.50 34.13 6.84
C PRO B 238 14.36 34.43 8.33
N PRO B 239 13.39 33.79 9.18
CA PRO B 239 13.09 33.73 10.83
C PRO B 239 14.42 33.11 11.30
N THR B 240 14.89 33.53 12.44
CA THR B 240 16.05 32.79 13.00
C THR B 240 15.51 31.61 13.80
N ALA B 241 14.21 31.57 14.00
CA ALA B 241 13.58 30.49 14.78
C ALA B 241 12.15 30.27 14.28
N VAL B 242 11.66 29.05 14.42
CA VAL B 242 10.28 28.70 13.99
C VAL B 242 9.60 27.94 15.12
N PHE B 243 8.36 28.30 15.40
CA PHE B 243 7.51 27.56 16.33
C PHE B 243 6.48 26.86 15.45
N THR B 244 6.50 25.54 15.46
CA THR B 244 5.57 24.75 14.63
C THR B 244 4.38 24.30 15.47
N PHE B 245 3.24 24.15 14.83
CA PHE B 245 1.98 23.71 15.46
C PHE B 245 2.16 22.34 16.08
N ASN B 246 3.00 21.49 15.48
CA ASN B 246 3.29 20.17 16.07
C ASN B 246 4.70 19.73 15.70
N ASP B 247 5.15 18.68 16.36
CA ASP B 247 6.50 18.10 16.19
C ASP B 247 6.67 17.53 14.78
N MET B 248 5.61 17.05 14.16
CA MET B 248 5.73 16.47 12.80
C MET B 248 6.23 17.56 11.86
N GLN B 249 5.65 18.75 11.97
CA GLN B 249 6.07 19.89 11.13
C GLN B 249 7.49 20.28 11.52
N GLY B 250 7.81 20.28 12.80
CA GLY B 250 9.16 20.66 13.24
C GLY B 250 10.22 19.81 12.59
N TYR B 251 10.06 18.49 12.63
CA TYR B 251 11.05 17.56 12.03
C TYR B 251 11.15 17.81 10.53
N GLU B 252 10.02 18.03 9.87
CA GLU B 252 9.98 18.32 8.43
C GLU B 252 10.72 19.63 8.16
N VAL B 253 10.62 20.59 9.07
CA VAL B 253 11.34 21.88 8.90
C VAL B 253 12.83 21.62 8.95
N ILE B 254 13.27 20.81 9.91
CA ILE B 254 14.72 20.50 10.04
C ILE B 254 15.20 19.80 8.77
N GLN B 255 14.39 18.91 8.22
CA GLN B 255 14.76 18.15 7.01
C GLN B 255 14.92 19.11 5.83
N ARG B 256 13.93 19.95 5.56
CA ARG B 256 14.02 20.88 4.41
C ARG B 256 15.18 21.85 4.58
N ALA B 257 15.43 22.29 5.81
CA ALA B 257 16.52 23.25 6.08
C ALA B 257 17.86 22.60 5.70
N SER B 258 18.08 21.37 6.14
CA SER B 258 19.36 20.67 5.86
C SER B 258 19.50 20.47 4.35
N GLU B 259 18.38 20.25 3.67
CA GLU B 259 18.39 20.11 2.20
C GLU B 259 18.85 21.44 1.59
N LEU B 260 18.58 22.54 2.26
CA LEU B 260 18.98 23.87 1.74
C LEU B 260 20.34 24.24 2.32
N GLY B 261 21.01 23.32 2.98
CA GLY B 261 22.36 23.62 3.48
C GLY B 261 22.36 24.32 4.82
N LEU B 262 21.20 24.48 5.46
CA LEU B 262 21.17 25.12 6.79
C LEU B 262 21.36 24.04 7.86
N SER B 263 22.05 24.37 8.94
CA SER B 263 22.27 23.41 10.04
C SER B 263 21.41 23.78 11.26
N VAL B 264 20.74 22.81 11.87
CA VAL B 264 19.91 23.11 13.08
C VAL B 264 20.62 22.56 14.29
N PRO B 265 20.66 23.40 15.47
CA PRO B 265 20.09 24.93 15.92
C PRO B 265 20.95 26.08 15.40
N ARG B 266 22.13 25.80 14.88
CA ARG B 266 23.06 26.88 14.45
C ARG B 266 22.42 27.88 13.50
N ASP B 267 21.92 27.43 12.37
CA ASP B 267 21.32 28.38 11.41
C ASP B 267 19.84 28.63 11.70
N LEU B 268 19.20 27.82 12.54
CA LEU B 268 17.75 27.96 12.78
C LEU B 268 17.34 27.21 14.05
N SER B 269 16.61 27.87 14.94
CA SER B 269 16.12 27.20 16.17
C SER B 269 14.68 26.76 15.92
N VAL B 270 14.30 25.58 16.40
CA VAL B 270 12.92 25.08 16.14
C VAL B 270 12.28 24.61 17.44
N VAL B 271 11.06 25.03 17.70
CA VAL B 271 10.30 24.58 18.88
C VAL B 271 8.99 24.01 18.36
N GLY B 272 8.66 22.79 18.78
CA GLY B 272 7.43 22.17 18.31
C GLY B 272 6.42 21.97 19.40
N PHE B 273 5.48 21.08 19.17
CA PHE B 273 4.39 20.76 20.12
C PHE B 273 4.12 19.26 20.00
N ASP B 274 3.87 18.61 21.15
CA ASP B 274 3.51 17.19 21.46
C ASP B 274 4.65 16.38 22.06
N ASN B 275 5.92 16.76 21.89
CA ASN B 275 7.06 15.98 22.44
C ASN B 275 6.94 14.54 21.93
N ILE B 276 6.72 14.44 20.62
CA ILE B 276 6.44 13.19 19.86
C ILE B 276 7.54 12.14 20.02
N TYR B 277 8.77 12.55 20.35
CA TYR B 277 9.89 11.60 20.54
C TYR B 277 9.55 10.65 21.69
N ASP B 278 8.78 11.15 22.66
CA ASP B 278 8.40 10.34 23.85
C ASP B 278 7.51 9.18 23.41
N ILE B 279 6.73 9.34 22.35
CA ILE B 279 5.83 8.24 21.90
C ILE B 279 6.65 7.15 21.21
N PHE B 280 7.50 7.54 20.28
CA PHE B 280 8.26 6.57 19.46
C PHE B 280 9.48 6.04 20.19
N ARG B 281 10.04 6.86 21.08
CA ARG B 281 11.26 6.62 21.89
C ARG B 281 12.50 6.87 21.03
N PHE B 282 12.30 7.39 19.83
CA PHE B 282 13.39 7.78 18.91
C PHE B 282 12.79 8.57 17.74
N ILE B 283 13.58 9.42 17.11
CA ILE B 283 13.10 10.16 15.90
C ILE B 283 14.24 10.03 14.90
N PRO B 284 13.98 9.95 13.59
CA PRO B 284 15.05 9.85 12.62
C PRO B 284 15.34 11.29 12.23
N SER B 285 16.24 11.91 12.98
CA SER B 285 16.65 13.31 12.79
C SER B 285 17.92 13.53 13.61
N ASN B 286 18.70 14.53 13.23
CA ASN B 286 19.98 14.84 13.92
C ASN B 286 19.72 15.52 15.27
N VAL B 287 18.53 16.05 15.50
CA VAL B 287 18.31 16.68 16.82
C VAL B 287 17.00 16.17 17.40
N ARG B 288 16.82 16.34 18.69
CA ARG B 288 15.53 16.03 19.33
C ARG B 288 14.88 17.40 19.54
N LEU B 289 13.62 17.52 19.16
CA LEU B 289 12.95 18.83 19.21
C LEU B 289 12.71 19.34 20.62
N THR B 290 12.99 20.62 20.81
CA THR B 290 12.51 21.29 22.02
C THR B 290 11.00 21.38 21.77
N SER B 291 10.16 20.99 22.72
CA SER B 291 8.72 20.92 22.37
C SER B 291 7.83 21.06 23.60
N MET B 292 6.61 21.52 23.41
CA MET B 292 5.68 21.63 24.57
C MET B 292 5.13 20.24 24.86
N LYS B 293 5.18 19.81 26.12
CA LYS B 293 4.71 18.47 26.51
C LYS B 293 3.26 18.56 26.97
N GLN B 294 2.38 17.77 26.37
CA GLN B 294 0.99 17.72 26.86
C GLN B 294 1.03 16.96 28.18
N PRO B 295 0.32 17.43 29.35
CA PRO B 295 0.08 16.94 30.93
C PRO B 295 -0.86 15.73 30.79
N MET B 296 -0.46 14.79 29.94
CA MET B 296 -1.29 13.59 29.67
C MET B 296 -1.51 12.80 30.96
N GLU B 297 -0.51 12.71 31.83
CA GLU B 297 -0.75 11.95 33.07
C GLU B 297 -1.80 12.68 33.90
N LYS B 298 -1.67 14.00 34.04
CA LYS B 298 -2.65 14.78 34.82
C LYS B 298 -3.98 14.77 34.09
N VAL B 299 -3.97 14.75 32.77
CA VAL B 299 -5.25 14.72 32.03
C VAL B 299 -5.96 13.40 32.35
N ALA B 300 -5.23 12.30 32.34
CA ALA B 300 -5.84 10.98 32.61
C ALA B 300 -6.41 10.93 34.02
N GLU B 301 -5.64 11.34 35.01
CA GLU B 301 -6.12 11.33 36.41
C GLU B 301 -7.41 12.14 36.52
N ALA B 302 -7.41 13.35 35.98
CA ALA B 302 -8.60 14.22 36.06
C ALA B 302 -9.80 13.54 35.38
N ALA B 303 -9.59 12.94 34.22
CA ALA B 303 -10.72 12.30 33.50
C ALA B 303 -11.29 11.14 34.34
N ILE B 304 -10.44 10.31 34.91
CA ILE B 304 -10.95 9.17 35.71
C ILE B 304 -11.74 9.73 36.90
N GLN B 305 -11.16 10.70 37.60
CA GLN B 305 -11.82 11.35 38.75
C GLN B 305 -13.16 11.94 38.31
N LEU B 306 -13.22 12.64 37.20
CA LEU B 306 -14.54 13.18 36.79
C LEU B 306 -15.51 12.03 36.54
N MET B 307 -15.05 10.95 35.93
CA MET B 307 -15.94 9.82 35.58
C MET B 307 -16.39 9.10 36.85
N VAL B 308 -15.46 8.78 37.74
CA VAL B 308 -15.85 8.05 38.98
C VAL B 308 -16.90 8.87 39.73
N ALA B 309 -16.62 10.15 39.96
CA ALA B 309 -17.56 11.04 40.67
C ALA B 309 -18.90 11.03 39.94
N ASN B 310 -18.86 11.11 38.62
CA ASN B 310 -20.10 11.16 37.81
C ASN B 310 -20.88 9.86 37.92
N ILE B 311 -20.12 8.79 38.15
CA ILE B 311 -20.71 7.44 38.30
C ILE B 311 -21.28 7.31 39.70
N ASP B 312 -20.58 7.79 40.71
CA ASP B 312 -21.12 7.62 42.08
C ASP B 312 -22.38 8.47 42.26
N ASN B 313 -22.54 9.53 41.47
CA ASN B 313 -23.74 10.41 41.62
C ASN B 313 -24.13 11.04 40.28
N ALA B 314 -25.37 10.86 39.84
CA ALA B 314 -25.79 11.38 38.52
C ALA B 314 -26.24 12.82 38.59
N ASP B 315 -26.22 13.36 39.81
CA ASP B 315 -26.68 14.74 40.08
C ASP B 315 -25.47 15.69 40.04
N GLU B 316 -24.32 15.18 39.62
CA GLU B 316 -23.09 16.01 39.55
C GLU B 316 -23.15 16.91 38.32
N GLN B 317 -22.81 18.18 38.47
CA GLN B 317 -22.84 19.06 37.28
C GLN B 317 -21.51 18.87 36.55
N PRO B 318 -21.43 18.94 35.11
CA PRO B 318 -20.25 18.89 33.91
C PRO B 318 -19.20 19.86 34.47
N LYS B 319 -17.98 19.39 34.64
CA LYS B 319 -16.89 20.27 35.12
C LYS B 319 -15.86 20.37 33.99
N VAL B 320 -15.32 21.55 33.75
CA VAL B 320 -14.27 21.69 32.71
C VAL B 320 -12.96 21.93 33.44
N ILE B 321 -12.01 21.01 33.29
CA ILE B 321 -10.68 21.15 33.93
C ILE B 321 -9.65 21.38 32.84
N SER B 322 -8.79 22.38 33.02
CA SER B 322 -7.74 22.72 32.03
C SER B 322 -6.38 22.49 32.66
N PHE B 323 -5.41 22.06 31.86
CA PHE B 323 -4.05 21.81 32.36
C PHE B 323 -3.04 22.53 31.48
N GLU B 324 -1.96 23.00 32.07
CA GLU B 324 -0.94 23.73 31.30
C GLU B 324 0.07 22.75 30.71
N THR B 325 0.63 23.08 29.55
CA THR B 325 1.69 22.26 28.94
C THR B 325 3.02 22.65 29.58
N GLU B 326 4.03 21.83 29.38
CA GLU B 326 5.37 22.11 29.96
C GLU B 326 6.41 22.00 28.86
N LEU B 327 7.44 22.82 28.90
CA LEU B 327 8.44 22.82 27.82
C LEU B 327 9.48 21.72 28.04
N PHE B 328 9.69 20.87 27.05
CA PHE B 328 10.75 19.85 27.10
C PHE B 328 11.97 20.44 26.39
N HIS B 329 13.12 20.43 27.04
CA HIS B 329 14.33 21.02 26.42
C HIS B 329 15.06 19.96 25.61
N GLY B 330 15.04 20.11 24.29
CA GLY B 330 15.71 19.18 23.38
C GLY B 330 17.01 19.77 22.88
N THR B 331 17.37 19.47 21.65
CA THR B 331 18.63 19.98 21.08
C THR B 331 18.38 20.81 19.83
N SER B 332 17.15 21.24 19.59
CA SER B 332 16.82 21.97 18.35
C SER B 332 16.86 23.49 18.54
N CYS B 333 17.40 23.96 19.65
CA CYS B 333 17.44 25.42 19.90
C CYS B 333 18.85 25.87 20.28
N CYS B 334 19.15 27.12 19.99
CA CYS B 334 20.48 27.68 20.26
C CYS B 334 20.32 29.17 20.57
N GLU B 335 21.16 29.69 21.45
CA GLU B 335 21.15 31.12 21.81
C GLU B 335 21.61 31.93 20.61
N ARG B 336 21.08 33.13 20.44
CA ARG B 336 21.51 34.00 19.32
C ARG B 336 22.19 35.23 19.92
N LYS B 337 23.21 35.78 19.26
CA LYS B 337 23.92 37.01 19.71
C LYS B 337 22.91 38.06 20.16
N SER C 59 42.22 -21.03 -32.84
CA SER C 59 41.38 -19.97 -32.23
C SER C 59 40.09 -19.78 -33.02
N GLY C 60 40.03 -18.72 -33.82
CA GLY C 60 38.85 -18.31 -34.63
C GLY C 60 38.54 -16.85 -34.36
N VAL C 61 37.87 -16.17 -35.28
CA VAL C 61 37.60 -14.73 -35.06
C VAL C 61 36.12 -14.42 -35.24
N ILE C 62 35.56 -13.67 -34.30
CA ILE C 62 34.15 -13.18 -34.41
C ILE C 62 34.23 -11.67 -34.63
N GLY C 63 33.66 -11.18 -35.72
CA GLY C 63 33.68 -9.74 -35.99
C GLY C 63 32.44 -9.05 -35.47
N VAL C 64 32.60 -7.87 -34.89
CA VAL C 64 31.45 -7.08 -34.37
C VAL C 64 31.49 -5.72 -35.06
N VAL C 65 30.39 -5.29 -35.66
CA VAL C 65 30.35 -3.95 -36.28
C VAL C 65 29.42 -3.07 -35.46
N LEU C 66 29.95 -2.05 -34.79
CA LEU C 66 29.14 -1.12 -33.98
C LEU C 66 28.79 0.10 -34.81
N ASN C 67 27.71 0.78 -34.49
CA ASN C 67 27.38 2.00 -35.27
C ASN C 67 28.42 3.05 -34.92
N GLU C 68 28.85 3.07 -33.67
CA GLU C 68 29.87 4.01 -33.17
C GLU C 68 30.25 3.62 -31.74
N PHE C 69 31.37 4.15 -31.27
CA PHE C 69 31.76 3.90 -29.86
C PHE C 69 31.04 4.96 -29.03
N ASN C 70 30.35 4.54 -27.97
CA ASN C 70 29.65 5.52 -27.12
C ASN C 70 29.50 4.97 -25.71
N ALA C 71 29.01 5.79 -24.79
CA ALA C 71 28.87 5.37 -23.39
C ALA C 71 27.44 4.90 -23.12
N SER C 72 26.94 4.02 -23.95
CA SER C 72 25.58 3.49 -23.75
C SER C 72 25.68 2.18 -22.97
N VAL C 73 24.55 1.51 -22.79
CA VAL C 73 24.52 0.19 -22.08
C VAL C 73 25.32 -0.82 -22.89
N TYR C 74 25.40 -0.63 -24.20
CA TYR C 74 26.11 -1.56 -25.11
C TYR C 74 27.61 -1.61 -24.80
N LEU C 75 28.10 -0.68 -24.02
CA LEU C 75 29.54 -0.66 -23.67
C LEU C 75 29.83 -1.89 -22.81
N LYS C 76 28.94 -2.20 -21.88
CA LYS C 76 29.15 -3.36 -21.00
C LYS C 76 29.05 -4.64 -21.83
N LEU C 77 28.23 -4.62 -22.87
CA LEU C 77 28.06 -5.78 -23.77
C LEU C 77 29.39 -6.09 -24.46
N ALA C 78 30.09 -5.06 -24.90
CA ALA C 78 31.39 -5.27 -25.59
C ALA C 78 32.37 -5.99 -24.70
N ASN C 79 32.54 -5.59 -23.43
CA ASN C 79 33.51 -6.32 -22.58
C ASN C 79 33.05 -7.74 -22.35
N TYR C 80 31.75 -7.96 -22.20
CA TYR C 80 31.21 -9.31 -21.93
C TYR C 80 31.40 -10.20 -23.17
N LEU C 81 31.25 -9.63 -24.36
CA LEU C 81 31.46 -10.40 -25.60
C LEU C 81 32.88 -10.97 -25.58
N GLU C 82 33.86 -10.14 -25.24
CA GLU C 82 35.26 -10.61 -25.21
C GLU C 82 35.41 -11.68 -24.14
N LYS C 83 34.80 -11.48 -22.98
CA LYS C 83 34.92 -12.46 -21.89
C LYS C 83 34.39 -13.83 -22.32
N PHE C 84 33.20 -13.87 -22.88
CA PHE C 84 32.60 -15.18 -23.24
C PHE C 84 33.29 -15.76 -24.47
N ALA C 85 33.70 -14.91 -25.40
CA ALA C 85 34.41 -15.41 -26.60
C ALA C 85 35.67 -16.14 -26.14
N TYR C 86 36.36 -15.57 -25.16
CA TYR C 86 37.61 -16.14 -24.59
C TYR C 86 37.33 -17.55 -24.05
N ASN C 87 36.21 -17.70 -23.34
CA ASN C 87 35.85 -19.02 -22.76
C ASN C 87 35.61 -20.03 -23.89
N TYR C 88 35.16 -19.56 -25.05
CA TYR C 88 34.91 -20.50 -26.17
C TYR C 88 36.10 -20.49 -27.12
N ASN C 89 37.23 -20.00 -26.62
CA ASN C 89 38.50 -19.95 -27.37
C ASN C 89 38.37 -19.20 -28.70
N TYR C 90 37.74 -18.03 -28.70
CA TYR C 90 37.59 -17.23 -29.94
C TYR C 90 38.12 -15.83 -29.69
N ASN C 91 38.58 -15.18 -30.75
CA ASN C 91 39.03 -13.77 -30.67
C ASN C 91 37.85 -12.91 -31.10
N VAL C 92 37.69 -11.74 -30.50
CA VAL C 92 36.59 -10.84 -30.93
C VAL C 92 37.22 -9.54 -31.42
N VAL C 93 36.80 -9.09 -32.57
CA VAL C 93 37.37 -7.86 -33.18
C VAL C 93 36.22 -6.90 -33.44
N PHE C 94 36.34 -5.66 -33.00
CA PHE C 94 35.25 -4.67 -33.16
C PHE C 94 35.64 -3.64 -34.20
N CYS C 95 34.63 -3.06 -34.83
CA CYS C 95 34.80 -2.02 -35.86
CA CYS C 95 34.79 -2.12 -35.85
C CYS C 95 33.75 -0.95 -35.64
N SER C 96 34.08 0.29 -35.91
CA SER C 96 33.07 1.36 -35.74
C SER C 96 32.73 1.94 -37.11
N SER C 97 31.46 1.96 -37.45
CA SER C 97 31.07 2.47 -38.79
C SER C 97 30.90 3.98 -38.73
N ASN C 98 31.07 4.54 -37.53
CA ASN C 98 30.97 6.00 -37.26
C ASN C 98 29.64 6.53 -37.76
N ASP C 99 28.59 5.69 -37.67
CA ASP C 99 27.21 6.01 -38.10
C ASP C 99 27.16 6.28 -39.62
N ASN C 100 28.05 5.64 -40.39
CA ASN C 100 28.10 5.81 -41.86
C ASN C 100 27.74 4.48 -42.51
N TYR C 101 26.64 4.43 -43.26
CA TYR C 101 26.19 3.15 -43.85
C TYR C 101 27.24 2.57 -44.78
N GLU C 102 27.91 3.41 -45.55
CA GLU C 102 28.93 2.88 -46.49
C GLU C 102 30.01 2.17 -45.69
N SER C 103 30.38 2.72 -44.54
CA SER C 103 31.45 2.09 -43.71
C SER C 103 30.95 0.79 -43.09
N LYS C 104 29.70 0.74 -42.67
CA LYS C 104 29.16 -0.51 -42.10
C LYS C 104 29.21 -1.58 -43.18
N SER C 105 28.84 -1.23 -44.41
CA SER C 105 28.88 -2.15 -45.56
C SER C 105 30.31 -2.66 -45.75
N ARG C 106 31.26 -1.74 -45.71
CA ARG C 106 32.71 -2.04 -45.90
C ARG C 106 33.17 -3.02 -44.82
N TYR C 107 32.88 -2.72 -43.56
CA TYR C 107 33.35 -3.62 -42.47
C TYR C 107 32.66 -4.97 -42.58
N VAL C 108 31.41 -4.99 -43.02
CA VAL C 108 30.71 -6.30 -43.18
C VAL C 108 31.44 -7.12 -44.23
N GLN C 109 31.78 -6.51 -45.35
CA GLN C 109 32.50 -7.24 -46.44
C GLN C 109 33.87 -7.64 -45.93
N TYR C 110 34.50 -6.82 -45.10
CA TYR C 110 35.83 -7.19 -44.60
C TYR C 110 35.72 -8.51 -43.83
N PHE C 111 34.72 -8.60 -42.95
CA PHE C 111 34.56 -9.79 -42.09
C PHE C 111 34.07 -10.99 -42.89
N THR C 112 33.05 -10.82 -43.73
CA THR C 112 32.50 -11.96 -44.51
C THR C 112 33.48 -12.36 -45.60
N GLY C 113 34.39 -11.46 -45.95
CA GLY C 113 35.40 -11.69 -46.98
C GLY C 113 36.52 -12.59 -46.48
N GLY C 114 36.52 -12.98 -45.21
CA GLY C 114 37.60 -13.87 -44.77
C GLY C 114 38.24 -13.43 -43.47
N ALA C 115 38.02 -12.19 -43.03
CA ALA C 115 38.68 -11.77 -41.79
C ALA C 115 38.02 -12.41 -40.57
N ALA C 116 36.74 -12.76 -40.65
CA ALA C 116 36.07 -13.38 -39.47
C ALA C 116 35.31 -14.64 -39.86
N ASP C 117 35.01 -15.47 -38.87
CA ASP C 117 34.23 -16.71 -39.06
C ASP C 117 32.76 -16.44 -38.75
N GLY C 118 32.47 -15.35 -38.04
CA GLY C 118 31.09 -14.98 -37.67
C GLY C 118 30.94 -13.48 -37.50
N LEU C 119 29.72 -12.97 -37.58
CA LEU C 119 29.47 -11.51 -37.50
C LEU C 119 28.35 -11.19 -36.52
N ILE C 120 28.56 -10.18 -35.68
CA ILE C 120 27.51 -9.69 -34.75
C ILE C 120 27.19 -8.24 -35.11
N LEU C 121 25.91 -7.90 -35.18
CA LEU C 121 25.46 -6.53 -35.48
C LEU C 121 24.55 -6.06 -34.36
N PHE C 122 24.47 -4.76 -34.12
CA PHE C 122 23.60 -4.24 -33.03
C PHE C 122 22.51 -3.34 -33.60
N GLY C 123 21.37 -3.31 -32.91
CA GLY C 123 20.27 -2.40 -33.25
C GLY C 123 19.32 -2.86 -34.32
N SER C 124 18.34 -2.01 -34.59
CA SER C 124 17.26 -2.25 -35.57
C SER C 124 17.13 -1.01 -36.44
N ASP C 125 18.19 -0.67 -37.16
CA ASP C 125 18.13 0.50 -38.04
C ASP C 125 17.59 0.03 -39.38
N THR C 126 16.56 0.69 -39.89
CA THR C 126 15.89 0.28 -41.16
C THR C 126 16.81 0.45 -42.36
N ARG C 127 17.83 1.29 -42.22
CA ARG C 127 18.75 1.50 -43.34
C ARG C 127 19.54 0.22 -43.56
N ASP C 128 19.51 -0.72 -42.60
CA ASP C 128 20.35 -1.95 -42.72
C ASP C 128 19.52 -3.18 -43.09
N LYS C 129 18.22 -3.04 -43.34
CA LYS C 129 17.40 -4.24 -43.62
C LYS C 129 17.97 -5.04 -44.80
N GLU C 130 18.19 -4.38 -45.94
CA GLU C 130 18.69 -5.11 -47.12
C GLU C 130 20.07 -5.68 -46.86
N LEU C 131 20.89 -5.01 -46.08
CA LEU C 131 22.25 -5.53 -45.82
C LEU C 131 22.12 -6.85 -45.06
N VAL C 132 21.26 -6.89 -44.06
CA VAL C 132 21.06 -8.11 -43.24
C VAL C 132 20.56 -9.25 -44.13
N LYS C 133 19.60 -8.96 -44.99
CA LYS C 133 19.06 -10.02 -45.89
C LYS C 133 20.16 -10.56 -46.78
N ARG C 134 21.01 -9.68 -47.32
CA ARG C 134 22.12 -10.15 -48.18
C ARG C 134 23.02 -11.09 -47.39
N ILE C 135 23.33 -10.70 -46.15
CA ILE C 135 24.20 -11.57 -45.31
C ILE C 135 23.48 -12.88 -45.10
N LEU C 136 22.16 -12.84 -44.93
CA LEU C 136 21.34 -14.04 -44.67
C LEU C 136 21.22 -14.90 -45.92
N LYS C 137 21.33 -14.31 -47.12
CA LYS C 137 21.27 -15.15 -48.34
C LYS C 137 22.52 -16.03 -48.34
N THR C 138 23.65 -15.44 -47.95
CA THR C 138 24.88 -16.25 -47.83
C THR C 138 24.75 -17.04 -46.52
N GLY C 139 25.48 -18.13 -46.34
CA GLY C 139 25.27 -18.85 -45.07
C GLY C 139 26.14 -18.36 -43.93
N PHE C 140 26.67 -17.14 -44.02
CA PHE C 140 27.63 -16.62 -43.02
C PHE C 140 27.02 -16.60 -41.63
N PRO C 141 27.65 -17.18 -40.46
CA PRO C 141 27.32 -17.27 -38.82
C PRO C 141 26.98 -15.78 -38.62
N LEU C 142 25.72 -15.49 -38.30
CA LEU C 142 25.26 -14.09 -38.08
C LEU C 142 24.38 -14.04 -36.83
N VAL C 143 24.68 -13.13 -35.92
CA VAL C 143 23.87 -12.96 -34.70
C VAL C 143 23.56 -11.48 -34.52
N LEU C 144 22.29 -11.13 -34.37
CA LEU C 144 21.87 -9.73 -34.18
C LEU C 144 21.55 -9.52 -32.71
N ILE C 145 21.62 -8.28 -32.24
CA ILE C 145 21.32 -7.95 -30.84
C ILE C 145 20.32 -6.82 -30.85
N GLU C 146 19.19 -6.99 -30.17
CA GLU C 146 18.12 -5.97 -30.11
C GLU C 146 17.67 -5.59 -31.53
N ASN C 147 17.52 -6.57 -32.41
CA ASN C 147 17.01 -6.30 -33.78
C ASN C 147 15.52 -6.67 -33.82
N TYR C 148 14.71 -5.83 -34.43
CA TYR C 148 13.25 -6.10 -34.50
C TYR C 148 12.77 -6.09 -35.95
N PHE C 149 13.65 -6.44 -36.88
CA PHE C 149 13.28 -6.46 -38.31
C PHE C 149 12.17 -7.49 -38.56
N ASN C 150 11.21 -7.12 -39.39
CA ASN C 150 10.09 -8.02 -39.70
C ASN C 150 10.44 -9.01 -40.80
N ASP C 151 9.86 -10.19 -40.70
CA ASP C 151 9.96 -11.25 -41.72
C ASP C 151 11.37 -11.63 -42.12
N ILE C 152 12.20 -11.97 -41.14
CA ILE C 152 13.54 -12.57 -41.40
C ILE C 152 13.73 -13.64 -40.33
N ASN C 153 14.47 -14.69 -40.66
CA ASN C 153 14.73 -15.73 -39.64
C ASN C 153 16.21 -15.61 -39.28
N VAL C 154 16.53 -15.01 -38.12
CA VAL C 154 17.94 -14.76 -37.73
C VAL C 154 18.16 -15.07 -36.27
N ASN C 155 19.41 -15.32 -35.91
CA ASN C 155 19.76 -15.43 -34.48
C ASN C 155 19.63 -14.01 -33.96
N ASP C 156 18.88 -13.80 -32.89
CA ASP C 156 18.65 -12.44 -32.37
C ASP C 156 18.56 -12.54 -30.86
N VAL C 157 19.35 -11.76 -30.15
CA VAL C 157 19.29 -11.74 -28.67
C VAL C 157 18.61 -10.42 -28.33
N ILE C 158 17.46 -10.49 -27.65
CA ILE C 158 16.67 -9.28 -27.37
C ILE C 158 16.35 -9.13 -25.89
N ILE C 159 15.87 -7.95 -25.54
CA ILE C 159 15.47 -7.59 -24.17
C ILE C 159 13.95 -7.39 -24.19
N ASN C 160 13.27 -7.84 -23.14
CA ASN C 160 11.80 -7.66 -23.07
C ASN C 160 11.53 -6.22 -22.63
N ASN C 161 11.54 -5.29 -23.57
CA ASN C 161 11.31 -3.86 -23.29
C ASN C 161 9.89 -3.64 -22.78
N PHE C 162 8.92 -4.33 -23.38
CA PHE C 162 7.50 -4.17 -22.99
C PHE C 162 7.32 -4.48 -21.50
N SER C 163 7.74 -5.65 -21.07
CA SER C 163 7.54 -6.09 -19.68
C SER C 163 8.40 -5.25 -18.73
N GLY C 164 9.52 -4.73 -19.19
CA GLY C 164 10.34 -3.86 -18.34
C GLY C 164 9.56 -2.61 -17.98
N ALA C 165 8.86 -2.05 -18.95
CA ALA C 165 8.05 -0.84 -18.72
C ALA C 165 6.88 -1.19 -17.81
N VAL C 166 6.29 -2.37 -17.99
CA VAL C 166 5.14 -2.80 -17.15
C VAL C 166 5.62 -2.90 -15.71
N ASN C 167 6.77 -3.52 -15.50
CA ASN C 167 7.29 -3.68 -14.12
C ASN C 167 7.64 -2.32 -13.52
N ALA C 168 8.16 -1.40 -14.31
CA ALA C 168 8.50 -0.07 -13.77
C ALA C 168 7.24 0.63 -13.25
N VAL C 169 6.19 0.65 -14.06
CA VAL C 169 4.92 1.32 -13.67
C VAL C 169 4.27 0.58 -12.52
N ASN C 170 4.31 -0.75 -12.52
CA ASN C 170 3.73 -1.55 -11.41
C ASN C 170 4.44 -1.15 -10.12
N TYR C 171 5.75 -0.95 -10.17
CA TYR C 171 6.49 -0.56 -8.96
C TYR C 171 5.99 0.79 -8.45
N LEU C 172 5.80 1.74 -9.34
CA LEU C 172 5.31 3.07 -8.92
C LEU C 172 3.88 2.96 -8.38
N VAL C 173 3.04 2.16 -9.02
CA VAL C 173 1.64 1.99 -8.55
C VAL C 173 1.68 1.39 -7.15
N GLY C 174 2.55 0.41 -6.94
CA GLY C 174 2.72 -0.25 -5.64
C GLY C 174 3.19 0.72 -4.59
N LEU C 175 3.83 1.81 -5.01
CA LEU C 175 4.30 2.83 -4.05
C LEU C 175 3.16 3.82 -3.76
N GLY C 176 2.02 3.65 -4.41
CA GLY C 176 0.85 4.53 -4.16
C GLY C 176 0.64 5.60 -5.20
N HIS C 177 1.41 5.59 -6.27
CA HIS C 177 1.27 6.62 -7.33
C HIS C 177 0.08 6.31 -8.23
N ARG C 178 -0.70 7.33 -8.58
CA ARG C 178 -1.88 7.17 -9.46
C ARG C 178 -1.73 8.08 -10.66
N LYS C 179 -0.92 9.13 -10.52
CA LYS C 179 -0.67 10.09 -11.62
C LYS C 179 0.75 9.86 -12.13
N ILE C 180 0.89 8.89 -13.02
CA ILE C 180 2.21 8.48 -13.57
C ILE C 180 2.32 8.92 -15.02
N ALA C 181 3.36 9.68 -15.32
CA ALA C 181 3.60 10.17 -16.69
C ALA C 181 4.68 9.33 -17.36
N HIS C 182 4.84 9.51 -18.67
CA HIS C 182 5.89 8.80 -19.44
C HIS C 182 6.53 9.75 -20.45
N ILE C 183 7.85 9.79 -20.46
CA ILE C 183 8.63 10.55 -21.48
C ILE C 183 9.16 9.49 -22.45
N THR C 184 8.62 9.43 -23.65
CA THR C 184 8.95 8.37 -24.64
C THR C 184 10.28 8.57 -25.35
N GLY C 185 10.69 7.54 -26.07
CA GLY C 185 11.82 7.61 -27.00
C GLY C 185 11.24 7.84 -28.39
N ASN C 186 12.08 7.75 -29.42
CA ASN C 186 11.52 7.93 -30.78
C ASN C 186 10.62 6.74 -31.02
N VAL C 187 9.32 6.97 -31.11
CA VAL C 187 8.37 5.83 -31.28
C VAL C 187 8.53 5.18 -32.65
N ASN C 188 9.37 5.72 -33.52
CA ASN C 188 9.58 5.03 -34.81
C ASN C 188 10.46 3.81 -34.57
N HIS C 189 11.12 3.76 -33.41
CA HIS C 189 11.98 2.62 -33.03
C HIS C 189 11.17 1.64 -32.19
N ARG C 190 11.33 0.34 -32.41
CA ARG C 190 10.53 -0.67 -31.69
C ARG C 190 10.73 -0.59 -30.18
N ALA C 191 11.97 -0.40 -29.72
CA ALA C 191 12.23 -0.39 -28.27
C ALA C 191 11.41 0.71 -27.58
N ALA C 192 11.46 1.92 -28.12
CA ALA C 192 10.68 3.03 -27.53
C ALA C 192 9.19 2.73 -27.60
N LEU C 193 8.73 2.14 -28.70
CA LEU C 193 7.29 1.83 -28.81
C LEU C 193 6.93 0.74 -27.80
N GLU C 194 7.78 -0.24 -27.61
CA GLU C 194 7.48 -1.31 -26.64
C GLU C 194 7.39 -0.70 -25.23
N ARG C 195 8.28 0.24 -24.92
CA ARG C 195 8.28 0.88 -23.58
C ARG C 195 7.03 1.74 -23.43
N LEU C 196 6.64 2.46 -24.46
CA LEU C 196 5.40 3.25 -24.36
C LEU C 196 4.23 2.30 -24.18
N ASN C 197 4.20 1.20 -24.93
CA ASN C 197 3.06 0.25 -24.85
C ASN C 197 3.03 -0.43 -23.49
N GLY C 198 4.18 -0.78 -22.94
CA GLY C 198 4.22 -1.40 -21.61
C GLY C 198 3.63 -0.47 -20.58
N TYR C 199 3.96 0.81 -20.69
CA TYR C 199 3.43 1.84 -19.77
C TYR C 199 1.91 1.90 -19.89
N ILE C 200 1.40 1.94 -21.12
CA ILE C 200 -0.07 2.02 -21.35
C ILE C 200 -0.72 0.77 -20.78
N ARG C 201 -0.12 -0.39 -21.00
CA ARG C 201 -0.69 -1.66 -20.50
C ARG C 201 -0.70 -1.65 -18.98
N ALA C 202 0.36 -1.16 -18.35
CA ALA C 202 0.41 -1.15 -16.88
C ALA C 202 -0.65 -0.20 -16.33
N LEU C 203 -0.91 0.90 -17.03
CA LEU C 203 -1.96 1.82 -16.53
C LEU C 203 -3.28 1.05 -16.48
N ASN C 204 -3.63 0.38 -17.58
CA ASN C 204 -4.90 -0.37 -17.70
C ASN C 204 -4.98 -1.50 -16.67
N GLU C 205 -3.91 -2.24 -16.45
CA GLU C 205 -4.00 -3.38 -15.50
C GLU C 205 -4.07 -2.89 -14.06
N ASN C 206 -3.73 -1.64 -13.79
CA ASN C 206 -3.75 -1.15 -12.40
C ASN C 206 -4.95 -0.23 -12.20
N GLY C 207 -5.85 -0.22 -13.18
CA GLY C 207 -7.09 0.55 -13.13
C GLY C 207 -6.87 2.04 -13.19
N LEU C 208 -5.87 2.49 -13.92
CA LEU C 208 -5.62 3.95 -14.01
C LEU C 208 -6.06 4.43 -15.40
N ALA C 209 -6.62 5.61 -15.50
CA ALA C 209 -7.07 6.11 -16.81
C ALA C 209 -5.91 6.72 -17.60
N TYR C 210 -5.83 6.41 -18.88
CA TYR C 210 -4.77 6.93 -19.76
C TYR C 210 -5.02 8.41 -20.01
N SER C 211 -3.98 9.22 -20.01
CA SER C 211 -4.13 10.65 -20.32
C SER C 211 -2.99 11.08 -21.22
N LYS C 212 -3.31 11.62 -22.40
CA LYS C 212 -2.30 12.01 -23.40
C LYS C 212 -1.41 13.11 -22.86
N GLU C 213 -1.89 13.88 -21.90
CA GLU C 213 -1.08 14.99 -21.35
C GLU C 213 0.05 14.46 -20.47
N TYR C 214 -0.06 13.22 -20.02
CA TYR C 214 1.01 12.62 -19.17
C TYR C 214 1.99 11.87 -20.06
N VAL C 215 1.76 11.86 -21.37
CA VAL C 215 2.71 11.17 -22.28
C VAL C 215 3.40 12.23 -23.13
N ILE C 216 4.66 12.49 -22.89
CA ILE C 216 5.39 13.49 -23.72
C ILE C 216 6.18 12.74 -24.78
N ASN C 217 5.81 12.86 -26.04
CA ASN C 217 6.55 12.19 -27.14
C ASN C 217 7.85 12.94 -27.38
N THR C 218 8.98 12.26 -27.36
CA THR C 218 10.26 12.93 -27.69
C THR C 218 11.05 12.03 -28.64
N ASP C 219 12.12 12.57 -29.19
CA ASP C 219 13.00 11.78 -30.10
C ASP C 219 14.12 11.18 -29.30
N SER C 220 14.05 11.32 -27.97
CA SER C 220 15.04 10.81 -26.99
C SER C 220 16.38 11.54 -27.11
N GLY C 221 16.39 12.73 -27.68
CA GLY C 221 17.65 13.48 -27.87
C GLY C 221 18.12 14.22 -26.62
N GLU C 222 19.27 14.89 -26.73
CA GLU C 222 19.85 15.63 -25.60
C GLU C 222 18.88 16.73 -25.17
N GLN C 223 18.69 16.88 -23.86
CA GLN C 223 17.81 17.88 -23.19
C GLN C 223 16.33 17.54 -23.39
N SER C 224 16.02 16.40 -24.00
CA SER C 224 14.59 16.04 -24.20
C SER C 224 13.90 15.86 -22.85
N GLY C 225 14.64 15.39 -21.85
CA GLY C 225 14.09 15.18 -20.51
C GLY C 225 13.82 16.49 -19.81
N CYS C 226 14.72 17.46 -19.95
CA CYS C 226 14.52 18.78 -19.32
C CYS C 226 13.25 19.40 -19.87
N LYS C 227 13.08 19.36 -21.19
CA LYS C 227 11.91 20.00 -21.83
C LYS C 227 10.64 19.26 -21.40
N ALA C 228 10.67 17.94 -21.42
CA ALA C 228 9.47 17.16 -21.05
C ALA C 228 9.09 17.43 -19.61
N ALA C 229 10.08 17.52 -18.72
CA ALA C 229 9.76 17.76 -17.31
C ALA C 229 9.09 19.12 -17.17
N ASP C 230 9.55 20.09 -17.94
CA ASP C 230 8.99 21.46 -17.88
C ASP C 230 7.50 21.41 -18.18
N GLN C 231 7.12 20.73 -19.27
CA GLN C 231 5.71 20.61 -19.66
C GLN C 231 4.90 19.94 -18.56
N LEU C 232 5.37 18.79 -18.07
CA LEU C 232 4.62 17.99 -17.08
C LEU C 232 4.42 18.75 -15.79
N LEU C 233 5.46 19.39 -15.28
CA LEU C 233 5.39 20.09 -13.97
C LEU C 233 4.60 21.38 -14.07
N LYS C 234 4.22 21.79 -15.28
CA LYS C 234 3.45 23.05 -15.45
C LYS C 234 1.97 22.73 -15.75
N LEU C 235 1.55 21.49 -15.62
CA LEU C 235 0.13 21.17 -15.85
C LEU C 235 -0.67 21.57 -14.60
N LYS C 236 -1.98 21.76 -14.74
CA LYS C 236 -2.82 22.10 -13.57
C LYS C 236 -2.67 20.96 -12.57
N GLU C 237 -2.69 19.73 -13.07
CA GLU C 237 -2.53 18.53 -12.22
C GLU C 237 -1.24 17.81 -12.64
N PRO C 238 0.06 18.20 -12.16
CA PRO C 238 1.64 17.67 -12.34
C PRO C 238 1.48 16.21 -11.91
N PRO C 239 2.10 15.12 -12.60
CA PRO C 239 2.28 13.46 -12.36
C PRO C 239 3.02 13.49 -11.02
N THR C 240 2.71 12.56 -10.14
CA THR C 240 3.52 12.48 -8.90
C THR C 240 4.74 11.61 -9.20
N ALA C 241 4.71 10.90 -10.32
CA ALA C 241 5.81 10.02 -10.71
C ALA C 241 5.96 10.00 -12.22
N VAL C 242 7.15 9.73 -12.71
CA VAL C 242 7.36 9.65 -14.18
C VAL C 242 8.29 8.48 -14.50
N PHE C 243 7.93 7.74 -15.54
CA PHE C 243 8.78 6.65 -16.07
C PHE C 243 9.39 7.18 -17.37
N THR C 244 10.71 7.28 -17.42
CA THR C 244 11.40 7.81 -18.61
C THR C 244 11.89 6.65 -19.47
N PHE C 245 11.95 6.86 -20.76
CA PHE C 245 12.41 5.86 -21.75
C PHE C 245 13.85 5.44 -21.44
N ASN C 246 14.67 6.36 -20.93
CA ASN C 246 16.05 6.00 -20.55
C ASN C 246 16.54 6.85 -19.38
N ASP C 247 17.68 6.45 -18.82
CA ASP C 247 18.27 7.15 -17.65
C ASP C 247 18.72 8.55 -18.00
N MET C 248 19.16 8.79 -19.23
CA MET C 248 19.59 10.16 -19.60
C MET C 248 18.41 11.10 -19.39
N GLN C 249 17.24 10.75 -19.85
CA GLN C 249 16.06 11.63 -19.64
C GLN C 249 15.76 11.72 -18.15
N GLY C 250 15.88 10.60 -17.42
CA GLY C 250 15.58 10.58 -15.98
C GLY C 250 16.44 11.56 -15.21
N TYR C 251 17.73 11.58 -15.50
CA TYR C 251 18.67 12.50 -14.82
C TYR C 251 18.35 13.93 -15.22
N GLU C 252 17.94 14.13 -16.46
CA GLU C 252 17.54 15.47 -16.94
C GLU C 252 16.28 15.89 -16.18
N VAL C 253 15.35 14.96 -15.97
CA VAL C 253 14.11 15.29 -15.24
C VAL C 253 14.47 15.70 -13.82
N ILE C 254 15.40 15.01 -13.20
CA ILE C 254 15.78 15.37 -11.82
C ILE C 254 16.37 16.78 -11.80
N GLN C 255 17.22 17.11 -12.76
CA GLN C 255 17.86 18.44 -12.81
C GLN C 255 16.81 19.54 -12.97
N ARG C 256 15.95 19.43 -13.98
CA ARG C 256 14.95 20.47 -14.22
C ARG C 256 14.02 20.62 -13.01
N ALA C 257 13.60 19.52 -12.40
CA ALA C 257 12.70 19.63 -11.23
C ALA C 257 13.40 20.44 -10.14
N SER C 258 14.67 20.15 -9.91
CA SER C 258 15.47 20.85 -8.88
C SER C 258 15.54 22.34 -9.21
N GLU C 259 15.67 22.67 -10.50
CA GLU C 259 15.74 24.07 -10.96
C GLU C 259 14.39 24.72 -10.71
N LEU C 260 13.32 23.94 -10.78
CA LEU C 260 11.96 24.50 -10.57
C LEU C 260 11.63 24.53 -9.09
N GLY C 261 12.59 24.19 -8.23
CA GLY C 261 12.37 24.28 -6.79
C GLY C 261 11.83 23.01 -6.15
N LEU C 262 11.59 21.97 -6.94
CA LEU C 262 11.06 20.72 -6.35
C LEU C 262 12.23 19.89 -5.83
N SER C 263 11.93 18.96 -4.95
CA SER C 263 12.97 18.04 -4.45
C SER C 263 12.59 16.62 -4.85
N VAL C 264 13.51 15.94 -5.54
CA VAL C 264 13.26 14.53 -5.94
C VAL C 264 13.88 13.65 -4.86
N PRO C 265 13.16 12.49 -4.44
CA PRO C 265 11.69 11.73 -4.79
C PRO C 265 10.47 12.36 -4.12
N ARG C 266 10.67 13.19 -3.12
CA ARG C 266 9.54 13.76 -2.33
C ARG C 266 8.48 14.41 -3.22
N ASP C 267 8.88 15.28 -4.13
CA ASP C 267 7.90 15.98 -4.99
C ASP C 267 7.68 15.20 -6.28
N LEU C 268 8.57 14.28 -6.64
CA LEU C 268 8.43 13.55 -7.91
C LEU C 268 9.26 12.27 -7.89
N SER C 269 8.62 11.13 -8.06
CA SER C 269 9.35 9.85 -8.12
C SER C 269 9.76 9.62 -9.57
N VAL C 270 10.98 9.13 -9.78
CA VAL C 270 11.44 8.91 -11.17
C VAL C 270 11.98 7.51 -11.34
N VAL C 271 11.56 6.85 -12.41
CA VAL C 271 12.06 5.50 -12.75
C VAL C 271 12.54 5.56 -14.18
N GLY C 272 13.75 5.10 -14.44
CA GLY C 272 14.27 5.16 -15.80
C GLY C 272 14.51 3.79 -16.38
N PHE C 273 15.39 3.73 -17.36
CA PHE C 273 15.76 2.50 -18.08
C PHE C 273 17.22 2.62 -18.49
N ASP C 274 17.99 1.52 -18.37
CA ASP C 274 19.43 1.22 -18.66
C ASP C 274 20.34 1.11 -17.43
N ASN C 275 19.96 1.60 -16.25
CA ASN C 275 20.84 1.53 -15.05
C ASN C 275 22.23 2.03 -15.44
N ILE C 276 22.24 3.18 -16.10
CA ILE C 276 23.44 3.82 -16.72
C ILE C 276 24.54 4.07 -15.71
N TYR C 277 24.20 4.18 -14.43
CA TYR C 277 25.19 4.45 -13.36
C TYR C 277 26.19 3.31 -13.29
N ASP C 278 25.76 2.14 -13.73
CA ASP C 278 26.61 0.93 -13.71
C ASP C 278 27.90 1.14 -14.50
N ILE C 279 27.90 2.02 -15.49
CA ILE C 279 29.15 2.21 -16.26
C ILE C 279 29.85 3.48 -15.81
N PHE C 280 29.28 4.22 -14.86
CA PHE C 280 29.91 5.51 -14.46
C PHE C 280 31.24 5.33 -13.75
N ARG C 281 31.32 4.42 -12.78
CA ARG C 281 32.54 4.17 -11.95
C ARG C 281 32.90 5.40 -11.07
N PHE C 282 31.90 6.21 -10.72
CA PHE C 282 32.03 7.37 -9.81
C PHE C 282 30.62 7.77 -9.36
N ILE C 283 30.50 8.53 -8.29
CA ILE C 283 29.13 8.92 -7.86
C ILE C 283 28.99 10.43 -8.06
N PRO C 284 28.27 10.89 -9.09
CA PRO C 284 28.13 12.32 -9.36
C PRO C 284 27.13 13.03 -8.42
N SER C 285 26.08 12.34 -7.99
CA SER C 285 25.11 12.96 -7.06
C SER C 285 24.55 11.98 -6.03
N ASN C 286 23.71 12.52 -5.16
CA ASN C 286 23.03 11.82 -4.05
C ASN C 286 21.83 11.05 -4.59
N VAL C 287 21.30 11.44 -5.75
CA VAL C 287 20.10 10.71 -6.25
C VAL C 287 20.46 9.76 -7.38
N ARG C 288 20.42 8.46 -7.12
CA ARG C 288 20.64 7.46 -8.19
C ARG C 288 19.27 6.98 -8.64
N LEU C 289 19.07 6.88 -9.94
CA LEU C 289 17.76 6.50 -10.50
C LEU C 289 17.39 5.05 -10.21
N THR C 290 16.15 4.85 -9.82
CA THR C 290 15.58 3.49 -9.82
C THR C 290 15.43 3.21 -11.32
N SER C 291 15.92 2.09 -11.81
CA SER C 291 15.92 1.94 -13.29
C SER C 291 15.88 0.47 -13.70
N MET C 292 15.39 0.19 -14.90
CA MET C 292 15.36 -1.20 -15.39
C MET C 292 16.76 -1.55 -15.86
N LYS C 293 17.30 -2.65 -15.37
CA LYS C 293 18.67 -3.08 -15.71
C LYS C 293 18.65 -4.10 -16.84
N GLN C 294 19.36 -3.83 -17.92
CA GLN C 294 19.45 -4.80 -19.03
C GLN C 294 20.47 -5.85 -18.61
N PRO C 295 20.26 -7.27 -18.75
CA PRO C 295 21.10 -8.69 -18.43
C PRO C 295 22.13 -8.70 -19.57
N MET C 296 22.93 -7.63 -19.65
CA MET C 296 23.95 -7.51 -20.73
C MET C 296 24.94 -8.67 -20.67
N GLU C 297 25.26 -9.14 -19.48
CA GLU C 297 26.19 -10.29 -19.35
C GLU C 297 25.50 -11.51 -19.96
N LYS C 298 24.22 -11.69 -19.67
CA LYS C 298 23.44 -12.83 -20.21
C LYS C 298 23.29 -12.65 -21.72
N VAL C 299 23.12 -11.43 -22.18
CA VAL C 299 22.97 -11.18 -23.62
C VAL C 299 24.26 -11.58 -24.33
N ALA C 300 25.41 -11.17 -23.79
CA ALA C 300 26.71 -11.48 -24.41
C ALA C 300 26.93 -12.99 -24.44
N GLU C 301 26.68 -13.65 -23.32
CA GLU C 301 26.88 -15.12 -23.24
C GLU C 301 26.03 -15.81 -24.32
N ALA C 302 24.77 -15.41 -24.46
CA ALA C 302 23.86 -16.05 -25.43
C ALA C 302 24.35 -15.79 -26.85
N ALA C 303 24.76 -14.57 -27.14
CA ALA C 303 25.23 -14.24 -28.49
C ALA C 303 26.44 -15.10 -28.85
N ILE C 304 27.37 -15.26 -27.93
CA ILE C 304 28.59 -16.04 -28.22
C ILE C 304 28.19 -17.51 -28.41
N GLN C 305 27.29 -18.01 -27.58
CA GLN C 305 26.81 -19.41 -27.67
C GLN C 305 26.12 -19.62 -29.03
N LEU C 306 25.27 -18.69 -29.44
CA LEU C 306 24.63 -18.85 -30.76
C LEU C 306 25.70 -18.83 -31.84
N MET C 307 26.67 -17.92 -31.71
CA MET C 307 27.70 -17.75 -32.76
C MET C 307 28.57 -19.01 -32.87
N VAL C 308 29.04 -19.53 -31.76
CA VAL C 308 29.91 -20.73 -31.79
C VAL C 308 29.15 -21.88 -32.47
N ALA C 309 27.89 -22.07 -32.12
CA ALA C 309 27.07 -23.17 -32.68
C ALA C 309 26.87 -22.97 -34.18
N ASN C 310 26.63 -21.75 -34.62
CA ASN C 310 26.40 -21.53 -36.06
C ASN C 310 27.71 -21.73 -36.82
N ILE C 311 28.84 -21.44 -36.19
CA ILE C 311 30.13 -21.58 -36.90
C ILE C 311 30.44 -23.07 -37.04
N ASP C 312 30.12 -23.84 -36.01
CA ASP C 312 30.37 -25.30 -36.01
C ASP C 312 29.38 -26.05 -36.90
N ASN C 313 28.14 -25.60 -37.01
CA ASN C 313 27.18 -26.36 -37.84
C ASN C 313 26.41 -25.45 -38.78
N ALA C 314 26.51 -25.69 -40.08
CA ALA C 314 25.81 -24.85 -41.08
C ALA C 314 24.32 -25.20 -41.14
N ASP C 315 23.94 -26.25 -40.42
CA ASP C 315 22.53 -26.70 -40.39
C ASP C 315 21.82 -26.20 -39.14
N GLU C 316 22.47 -25.34 -38.35
CA GLU C 316 21.82 -24.83 -37.11
C GLU C 316 20.62 -23.97 -37.48
N GLN C 317 19.55 -24.06 -36.70
CA GLN C 317 18.34 -23.27 -37.00
C GLN C 317 18.39 -21.95 -36.23
N PRO C 318 17.82 -20.73 -36.76
CA PRO C 318 17.65 -19.13 -36.27
C PRO C 318 16.99 -19.27 -34.89
N LYS C 319 17.57 -18.62 -33.90
CA LYS C 319 16.98 -18.64 -32.55
C LYS C 319 16.86 -17.20 -32.07
N VAL C 320 15.69 -16.82 -31.57
CA VAL C 320 15.51 -15.49 -30.94
C VAL C 320 15.59 -15.77 -29.45
N ILE C 321 16.59 -15.24 -28.77
CA ILE C 321 16.72 -15.45 -27.30
C ILE C 321 16.34 -14.15 -26.61
N SER C 322 15.42 -14.23 -25.66
CA SER C 322 14.89 -13.03 -24.98
C SER C 322 15.24 -13.05 -23.50
N PHE C 323 15.58 -11.88 -22.96
CA PHE C 323 15.89 -11.78 -21.52
C PHE C 323 15.07 -10.69 -20.87
N GLU C 324 14.68 -10.90 -19.63
CA GLU C 324 13.88 -9.90 -18.90
C GLU C 324 14.82 -8.89 -18.24
N THR C 325 14.34 -7.67 -18.10
CA THR C 325 15.09 -6.62 -17.37
C THR C 325 14.83 -6.82 -15.88
N GLU C 326 15.67 -6.24 -15.05
CA GLU C 326 15.51 -6.40 -13.59
C GLU C 326 15.47 -5.00 -12.99
N LEU C 327 14.58 -4.77 -12.04
CA LEU C 327 14.45 -3.43 -11.43
C LEU C 327 15.61 -3.19 -10.47
N PHE C 328 16.37 -2.11 -10.69
CA PHE C 328 17.42 -1.73 -9.72
C PHE C 328 16.83 -0.63 -8.85
N HIS C 329 16.77 -0.86 -7.55
CA HIS C 329 16.20 0.13 -6.61
C HIS C 329 17.27 1.16 -6.22
N GLY C 330 17.04 2.41 -6.63
CA GLY C 330 17.94 3.53 -6.35
C GLY C 330 17.37 4.41 -5.27
N THR C 331 17.52 5.72 -5.40
CA THR C 331 17.06 6.66 -4.37
C THR C 331 16.20 7.75 -5.01
N SER C 332 15.59 7.46 -6.15
CA SER C 332 14.79 8.46 -6.90
C SER C 332 13.30 8.23 -6.72
N CYS C 333 12.89 7.38 -5.79
CA CYS C 333 11.45 7.14 -5.60
C CYS C 333 11.10 7.16 -4.12
N CYS C 334 9.86 7.51 -3.81
CA CYS C 334 9.40 7.44 -2.41
C CYS C 334 7.91 7.16 -2.40
N GLU C 335 7.41 6.67 -1.28
CA GLU C 335 5.98 6.30 -1.13
C GLU C 335 5.07 7.53 -1.22
N ARG C 336 3.86 7.32 -1.71
CA ARG C 336 2.84 8.38 -1.75
C ARG C 336 1.70 7.96 -0.83
N LYS C 337 1.41 8.77 0.18
CA LYS C 337 0.30 8.57 1.14
C LYS C 337 -0.99 8.26 0.39
N LYS D 58 -32.99 18.29 -28.78
CA LYS D 58 -33.51 17.08 -28.07
C LYS D 58 -33.59 15.90 -29.03
N SER D 59 -32.60 15.01 -29.04
CA SER D 59 -32.49 13.89 -30.00
C SER D 59 -33.60 12.82 -29.91
N GLY D 60 -34.07 12.57 -28.69
CA GLY D 60 -34.99 11.45 -28.40
C GLY D 60 -34.16 10.19 -28.30
N VAL D 61 -32.89 10.37 -27.97
CA VAL D 61 -31.94 9.22 -27.94
C VAL D 61 -31.27 9.08 -26.58
N ILE D 62 -31.17 7.86 -26.09
CA ILE D 62 -30.39 7.56 -24.87
C ILE D 62 -29.16 6.80 -25.36
N GLY D 63 -27.97 7.25 -24.99
CA GLY D 63 -26.74 6.58 -25.41
C GLY D 63 -26.23 5.64 -24.34
N VAL D 64 -25.76 4.47 -24.74
CA VAL D 64 -25.22 3.48 -23.78
C VAL D 64 -23.80 3.12 -24.20
N VAL D 65 -22.85 3.24 -23.30
CA VAL D 65 -21.46 2.87 -23.65
C VAL D 65 -21.15 1.59 -22.88
N LEU D 66 -20.56 0.59 -23.54
CA LEU D 66 -20.17 -0.69 -22.90
C LEU D 66 -18.66 -0.86 -23.01
N ASN D 67 -18.05 -1.63 -22.12
CA ASN D 67 -16.58 -1.85 -22.26
C ASN D 67 -16.40 -2.81 -23.44
N GLU D 68 -17.30 -3.78 -23.58
CA GLU D 68 -17.22 -4.73 -24.71
C GLU D 68 -18.52 -5.50 -24.84
N PHE D 69 -18.70 -6.17 -25.97
CA PHE D 69 -19.86 -7.05 -26.16
C PHE D 69 -19.40 -8.42 -25.69
N ASN D 70 -20.07 -9.00 -24.74
CA ASN D 70 -19.66 -10.35 -24.30
C ASN D 70 -20.90 -11.16 -23.94
N ALA D 71 -20.74 -12.41 -23.57
CA ALA D 71 -21.92 -13.22 -23.26
C ALA D 71 -22.31 -13.11 -21.78
N SER D 72 -22.37 -11.91 -21.24
CA SER D 72 -22.74 -11.78 -19.81
C SER D 72 -24.24 -11.53 -19.68
N VAL D 73 -24.69 -11.33 -18.43
CA VAL D 73 -26.12 -11.07 -18.12
C VAL D 73 -26.51 -9.73 -18.70
N TYR D 74 -25.52 -8.88 -18.95
CA TYR D 74 -25.77 -7.52 -19.49
C TYR D 74 -26.37 -7.61 -20.90
N LEU D 75 -26.23 -8.77 -21.53
CA LEU D 75 -26.81 -8.97 -22.88
C LEU D 75 -28.33 -8.78 -22.77
N LYS D 76 -28.97 -9.47 -21.84
CA LYS D 76 -30.44 -9.33 -21.74
C LYS D 76 -30.81 -7.97 -21.13
N LEU D 77 -29.90 -7.36 -20.40
CA LEU D 77 -30.21 -6.01 -19.86
C LEU D 77 -30.33 -5.08 -21.07
N ALA D 78 -29.43 -5.21 -22.03
CA ALA D 78 -29.46 -4.36 -23.24
C ALA D 78 -30.80 -4.52 -23.95
N ASN D 79 -31.27 -5.75 -24.12
CA ASN D 79 -32.56 -5.94 -24.80
C ASN D 79 -33.67 -5.26 -24.01
N TYR D 80 -33.63 -5.37 -22.69
CA TYR D 80 -34.68 -4.80 -21.82
C TYR D 80 -34.62 -3.28 -21.86
N LEU D 81 -33.43 -2.72 -22.01
CA LEU D 81 -33.30 -1.25 -22.11
C LEU D 81 -34.06 -0.81 -23.36
N GLU D 82 -33.95 -1.57 -24.44
CA GLU D 82 -34.63 -1.22 -25.70
C GLU D 82 -36.15 -1.34 -25.51
N LYS D 83 -36.62 -2.38 -24.84
CA LYS D 83 -38.07 -2.58 -24.61
C LYS D 83 -38.62 -1.37 -23.84
N PHE D 84 -37.98 -1.00 -22.75
CA PHE D 84 -38.49 0.10 -21.89
C PHE D 84 -38.35 1.45 -22.57
N ALA D 85 -37.26 1.67 -23.28
CA ALA D 85 -37.06 2.96 -23.99
C ALA D 85 -38.18 3.11 -25.00
N TYR D 86 -38.51 2.02 -25.68
CA TYR D 86 -39.58 2.07 -26.70
C TYR D 86 -40.88 2.47 -26.03
N ASN D 87 -41.16 1.94 -24.84
CA ASN D 87 -42.41 2.29 -24.14
C ASN D 87 -42.39 3.78 -23.76
N TYR D 88 -41.20 4.33 -23.53
CA TYR D 88 -41.09 5.77 -23.16
C TYR D 88 -40.81 6.60 -24.40
N ASN D 89 -41.05 6.02 -25.57
CA ASN D 89 -40.87 6.71 -26.87
C ASN D 89 -39.46 7.27 -26.99
N TYR D 90 -38.46 6.49 -26.60
CA TYR D 90 -37.05 6.91 -26.71
C TYR D 90 -36.27 5.89 -27.52
N ASN D 91 -35.30 6.35 -28.30
CA ASN D 91 -34.43 5.41 -29.04
C ASN D 91 -33.24 5.12 -28.14
N VAL D 92 -32.68 3.91 -28.22
CA VAL D 92 -31.49 3.56 -27.41
C VAL D 92 -30.39 3.11 -28.37
N VAL D 93 -29.19 3.66 -28.24
CA VAL D 93 -28.07 3.24 -29.13
C VAL D 93 -26.92 2.83 -28.24
N PHE D 94 -26.23 1.75 -28.59
CA PHE D 94 -25.09 1.26 -27.79
C PHE D 94 -23.79 1.40 -28.55
N CYS D 95 -22.71 1.53 -27.80
CA CYS D 95 -21.35 1.68 -28.33
CA CYS D 95 -21.36 1.59 -28.32
C CYS D 95 -20.44 0.77 -27.52
N SER D 96 -19.41 0.22 -28.14
CA SER D 96 -18.46 -0.64 -27.40
C SER D 96 -17.09 0.02 -27.43
N SER D 97 -16.50 0.23 -26.25
CA SER D 97 -15.18 0.89 -26.18
C SER D 97 -14.07 -0.12 -26.40
N ASN D 98 -14.45 -1.38 -26.48
CA ASN D 98 -13.53 -2.53 -26.67
C ASN D 98 -12.52 -2.59 -25.53
N ASP D 99 -12.98 -2.17 -24.35
CA ASP D 99 -12.19 -2.16 -23.08
C ASP D 99 -11.00 -1.19 -23.18
N ASN D 100 -11.09 -0.19 -24.06
CA ASN D 100 -10.03 0.83 -24.22
C ASN D 100 -10.57 2.14 -23.64
N TYR D 101 -9.95 2.66 -22.59
CA TYR D 101 -10.47 3.87 -21.91
C TYR D 101 -10.63 5.02 -22.90
N GLU D 102 -9.67 5.21 -23.79
CA GLU D 102 -9.73 6.33 -24.76
C GLU D 102 -11.00 6.20 -25.61
N SER D 103 -11.36 4.99 -25.99
CA SER D 103 -12.57 4.81 -26.83
C SER D 103 -13.81 5.11 -26.00
N LYS D 104 -13.80 4.73 -24.73
CA LYS D 104 -14.97 5.01 -23.87
C LYS D 104 -15.14 6.51 -23.77
N SER D 105 -14.04 7.23 -23.56
CA SER D 105 -14.06 8.70 -23.45
C SER D 105 -14.60 9.29 -24.76
N ARG D 106 -14.15 8.76 -25.89
CA ARG D 106 -14.59 9.25 -27.22
C ARG D 106 -16.09 9.05 -27.37
N TYR D 107 -16.60 7.88 -27.01
CA TYR D 107 -18.04 7.60 -27.18
C TYR D 107 -18.84 8.48 -26.21
N VAL D 108 -18.31 8.74 -25.03
CA VAL D 108 -19.01 9.60 -24.03
C VAL D 108 -19.12 11.00 -24.64
N GLN D 109 -18.03 11.49 -25.20
CA GLN D 109 -18.01 12.83 -25.85
C GLN D 109 -18.99 12.84 -27.03
N TYR D 110 -19.09 11.74 -27.75
CA TYR D 110 -20.04 11.70 -28.89
C TYR D 110 -21.45 11.94 -28.36
N PHE D 111 -21.81 11.24 -27.30
CA PHE D 111 -23.18 11.32 -26.73
C PHE D 111 -23.47 12.67 -26.07
N THR D 112 -22.53 13.16 -25.26
CA THR D 112 -22.72 14.43 -24.51
C THR D 112 -22.66 15.61 -25.47
N GLY D 113 -21.95 15.48 -26.58
CA GLY D 113 -21.81 16.55 -27.57
C GLY D 113 -23.06 16.73 -28.41
N GLY D 114 -24.10 15.92 -28.20
CA GLY D 114 -25.32 16.18 -28.99
C GLY D 114 -25.98 14.97 -29.61
N ALA D 115 -25.30 13.84 -29.65
CA ALA D 115 -25.89 12.65 -30.30
C ALA D 115 -27.01 12.06 -29.45
N ALA D 116 -26.97 12.24 -28.14
CA ALA D 116 -28.04 11.68 -27.29
C ALA D 116 -28.46 12.68 -26.22
N ASP D 117 -29.64 12.47 -25.65
CA ASP D 117 -30.16 13.37 -24.61
C ASP D 117 -29.76 12.85 -23.23
N GLY D 118 -29.30 11.60 -23.15
CA GLY D 118 -28.89 11.04 -21.85
C GLY D 118 -27.89 9.93 -22.04
N LEU D 119 -27.22 9.55 -20.97
CA LEU D 119 -26.17 8.52 -21.07
C LEU D 119 -26.29 7.49 -19.95
N ILE D 120 -26.08 6.23 -20.29
CA ILE D 120 -26.08 5.11 -19.31
C ILE D 120 -24.71 4.44 -19.38
N LEU D 121 -24.11 4.15 -18.24
CA LEU D 121 -22.82 3.44 -18.18
C LEU D 121 -23.02 2.21 -17.28
N PHE D 122 -22.25 1.16 -17.52
CA PHE D 122 -22.37 -0.08 -16.73
C PHE D 122 -21.12 -0.33 -15.90
N GLY D 123 -21.28 -0.98 -14.75
CA GLY D 123 -20.16 -1.43 -13.91
C GLY D 123 -19.49 -0.39 -13.04
N SER D 124 -18.42 -0.81 -12.40
CA SER D 124 -17.66 0.06 -11.48
C SER D 124 -16.17 -0.05 -11.81
N ASP D 125 -15.79 0.42 -12.99
CA ASP D 125 -14.38 0.40 -13.47
C ASP D 125 -13.70 1.63 -12.88
N THR D 126 -12.72 1.42 -12.01
CA THR D 126 -11.98 2.51 -11.31
C THR D 126 -11.35 3.46 -12.32
N ARG D 127 -11.15 3.01 -13.55
CA ARG D 127 -10.57 3.89 -14.60
C ARG D 127 -11.55 5.01 -14.93
N ASP D 128 -12.84 4.78 -14.71
CA ASP D 128 -13.84 5.78 -15.16
C ASP D 128 -14.27 6.75 -14.05
N LYS D 129 -13.70 6.67 -12.85
CA LYS D 129 -14.15 7.56 -11.75
C LYS D 129 -14.09 9.04 -12.14
N GLU D 130 -12.96 9.49 -12.66
CA GLU D 130 -12.86 10.93 -13.00
C GLU D 130 -13.79 11.27 -14.16
N LEU D 131 -13.95 10.34 -15.11
CA LEU D 131 -14.84 10.62 -16.25
C LEU D 131 -16.27 10.77 -15.74
N VAL D 132 -16.67 9.93 -14.81
CA VAL D 132 -18.04 10.00 -14.26
C VAL D 132 -18.19 11.33 -13.51
N LYS D 133 -17.19 11.68 -12.72
CA LYS D 133 -17.22 12.95 -11.96
C LYS D 133 -17.35 14.11 -12.95
N ARG D 134 -16.63 14.04 -14.06
CA ARG D 134 -16.69 15.14 -15.06
C ARG D 134 -18.10 15.21 -15.64
N ILE D 135 -18.73 14.07 -15.88
CA ILE D 135 -20.08 14.14 -16.48
C ILE D 135 -21.03 14.73 -15.44
N LEU D 136 -20.81 14.45 -14.17
CA LEU D 136 -21.67 14.95 -13.08
C LEU D 136 -21.48 16.45 -12.89
N LYS D 137 -20.31 17.01 -13.20
CA LYS D 137 -20.10 18.47 -13.05
C LYS D 137 -21.01 19.17 -14.03
N THR D 138 -21.18 18.61 -15.23
CA THR D 138 -22.13 19.18 -16.21
C THR D 138 -23.52 18.67 -15.83
N GLY D 139 -24.59 19.25 -16.35
CA GLY D 139 -25.89 18.74 -15.91
C GLY D 139 -26.37 17.56 -16.73
N PHE D 140 -25.51 17.02 -17.59
CA PHE D 140 -25.93 15.95 -18.54
C PHE D 140 -26.57 14.76 -17.84
N PRO D 141 -27.78 14.35 -18.26
CA PRO D 141 -28.45 13.23 -17.64
C PRO D 141 -27.59 11.97 -17.70
N LEU D 142 -27.45 11.34 -16.56
CA LEU D 142 -26.58 10.18 -16.40
C LEU D 142 -27.23 9.16 -15.48
N VAL D 143 -27.21 7.91 -15.89
CA VAL D 143 -27.74 6.80 -15.07
C VAL D 143 -26.70 5.69 -15.09
N LEU D 144 -26.23 5.27 -13.93
CA LEU D 144 -25.22 4.20 -13.83
C LEU D 144 -25.92 2.90 -13.46
N ILE D 145 -25.32 1.77 -13.83
CA ILE D 145 -25.86 0.42 -13.52
C ILE D 145 -24.77 -0.36 -12.83
N GLU D 146 -25.06 -0.89 -11.65
CA GLU D 146 -24.11 -1.67 -10.85
C GLU D 146 -22.84 -0.86 -10.58
N ASN D 147 -22.96 0.43 -10.29
CA ASN D 147 -21.79 1.26 -9.95
C ASN D 147 -21.62 1.31 -8.43
N TYR D 148 -20.39 1.20 -7.94
CA TYR D 148 -20.14 1.26 -6.48
C TYR D 148 -19.12 2.34 -6.14
N PHE D 149 -19.03 3.38 -6.96
CA PHE D 149 -18.08 4.46 -6.62
C PHE D 149 -18.54 5.16 -5.35
N ASN D 150 -17.58 5.56 -4.52
CA ASN D 150 -17.87 6.29 -3.27
C ASN D 150 -17.77 7.78 -3.55
N ASP D 151 -18.38 8.58 -2.67
CA ASP D 151 -18.34 10.07 -2.70
C ASP D 151 -19.01 10.66 -3.93
N ILE D 152 -19.97 10.00 -4.55
CA ILE D 152 -20.64 10.70 -5.67
C ILE D 152 -22.14 10.61 -5.48
N ASN D 153 -22.88 11.59 -5.97
CA ASN D 153 -24.35 11.58 -5.89
C ASN D 153 -24.84 11.35 -7.31
N VAL D 154 -25.30 10.14 -7.63
CA VAL D 154 -25.70 9.87 -9.04
C VAL D 154 -26.85 8.89 -9.07
N ASN D 155 -27.54 8.85 -10.20
CA ASN D 155 -28.58 7.84 -10.41
C ASN D 155 -27.84 6.53 -10.63
N ASP D 156 -28.21 5.50 -9.88
CA ASP D 156 -27.50 4.22 -9.94
C ASP D 156 -28.49 3.10 -9.66
N VAL D 157 -28.61 2.14 -10.56
CA VAL D 157 -29.51 0.98 -10.35
C VAL D 157 -28.61 -0.19 -10.01
N ILE D 158 -28.77 -0.74 -8.82
CA ILE D 158 -27.86 -1.81 -8.36
C ILE D 158 -28.64 -3.07 -7.99
N ILE D 159 -27.89 -4.14 -7.77
CA ILE D 159 -28.46 -5.46 -7.39
C ILE D 159 -27.94 -5.82 -6.00
N ASN D 160 -28.78 -6.40 -5.18
CA ASN D 160 -28.41 -6.79 -3.80
C ASN D 160 -27.70 -8.14 -3.82
N ASN D 161 -26.41 -8.11 -4.09
CA ASN D 161 -25.57 -9.32 -4.14
C ASN D 161 -25.50 -9.95 -2.76
N PHE D 162 -25.43 -9.13 -1.72
CA PHE D 162 -25.35 -9.64 -0.32
C PHE D 162 -26.54 -10.54 -0.03
N SER D 163 -27.75 -10.02 -0.21
CA SER D 163 -28.98 -10.80 0.08
C SER D 163 -29.07 -12.03 -0.80
N GLY D 164 -28.58 -11.93 -2.03
CA GLY D 164 -28.58 -13.07 -2.96
C GLY D 164 -27.80 -14.22 -2.37
N ALA D 165 -26.60 -13.94 -1.87
CA ALA D 165 -25.78 -14.99 -1.25
C ALA D 165 -26.49 -15.54 -0.01
N VAL D 166 -27.09 -14.66 0.77
CA VAL D 166 -27.82 -15.09 1.99
C VAL D 166 -28.94 -16.04 1.56
N ASN D 167 -29.71 -15.63 0.57
CA ASN D 167 -30.86 -16.45 0.14
C ASN D 167 -30.36 -17.78 -0.44
N ALA D 168 -29.22 -17.79 -1.10
CA ALA D 168 -28.70 -19.03 -1.70
C ALA D 168 -28.35 -20.02 -0.59
N VAL D 169 -27.63 -19.53 0.42
CA VAL D 169 -27.20 -20.40 1.54
C VAL D 169 -28.45 -20.81 2.32
N ASN D 170 -29.41 -19.92 2.48
CA ASN D 170 -30.65 -20.27 3.21
C ASN D 170 -31.30 -21.47 2.52
N TYR D 171 -31.35 -21.43 1.20
CA TYR D 171 -31.99 -22.52 0.43
C TYR D 171 -31.24 -23.82 0.69
N LEU D 172 -29.91 -23.78 0.71
CA LEU D 172 -29.14 -25.01 0.94
C LEU D 172 -29.37 -25.50 2.37
N VAL D 173 -29.53 -24.59 3.32
CA VAL D 173 -29.77 -24.98 4.73
C VAL D 173 -31.12 -25.70 4.77
N GLY D 174 -32.11 -25.14 4.07
CA GLY D 174 -33.46 -25.70 4.01
C GLY D 174 -33.48 -27.09 3.42
N LEU D 175 -32.42 -27.49 2.74
CA LEU D 175 -32.36 -28.86 2.19
C LEU D 175 -31.61 -29.75 3.17
N GLY D 176 -31.32 -29.23 4.36
CA GLY D 176 -30.63 -30.02 5.40
C GLY D 176 -29.13 -29.95 5.28
N HIS D 177 -28.59 -29.08 4.44
CA HIS D 177 -27.11 -29.02 4.32
C HIS D 177 -26.53 -28.24 5.50
N ARG D 178 -25.43 -28.71 6.06
CA ARG D 178 -24.83 -28.02 7.21
C ARG D 178 -23.34 -27.78 6.91
N LYS D 179 -22.77 -28.54 5.99
CA LYS D 179 -21.35 -28.32 5.63
C LYS D 179 -21.33 -27.63 4.28
N ILE D 180 -21.50 -26.31 4.28
CA ILE D 180 -21.61 -25.51 3.02
C ILE D 180 -20.33 -24.71 2.79
N ALA D 181 -19.79 -24.81 1.58
CA ALA D 181 -18.54 -24.12 1.22
C ALA D 181 -18.84 -22.98 0.27
N HIS D 182 -17.87 -22.08 0.10
CA HIS D 182 -18.05 -20.95 -0.84
C HIS D 182 -16.79 -20.75 -1.68
N ILE D 183 -16.96 -20.64 -2.99
CA ILE D 183 -15.83 -20.31 -3.89
C ILE D 183 -16.04 -18.84 -4.28
N THR D 184 -15.12 -17.99 -3.88
CA THR D 184 -15.25 -16.53 -4.08
C THR D 184 -14.80 -16.05 -5.45
N GLY D 185 -15.06 -14.78 -5.69
CA GLY D 185 -14.58 -14.04 -6.87
C GLY D 185 -13.44 -13.13 -6.42
N ASN D 186 -13.05 -12.18 -7.25
CA ASN D 186 -11.96 -11.27 -6.83
C ASN D 186 -12.57 -10.39 -5.74
N VAL D 187 -12.15 -10.58 -4.50
CA VAL D 187 -12.74 -9.82 -3.36
C VAL D 187 -12.35 -8.35 -3.42
N ASN D 188 -11.52 -7.96 -4.38
CA ASN D 188 -11.17 -6.53 -4.51
C ASN D 188 -12.39 -5.83 -5.15
N HIS D 189 -13.26 -6.60 -5.80
CA HIS D 189 -14.51 -6.08 -6.42
C HIS D 189 -15.67 -6.19 -5.43
N ARG D 190 -16.53 -5.16 -5.38
CA ARG D 190 -17.66 -5.10 -4.42
C ARG D 190 -18.62 -6.28 -4.55
N ALA D 191 -18.97 -6.69 -5.76
CA ALA D 191 -19.94 -7.80 -5.91
C ALA D 191 -19.42 -9.07 -5.25
N ALA D 192 -18.15 -9.40 -5.48
CA ALA D 192 -17.60 -10.65 -4.93
C ALA D 192 -17.54 -10.56 -3.41
N LEU D 193 -17.14 -9.41 -2.88
CA LEU D 193 -17.04 -9.25 -1.43
C LEU D 193 -18.44 -9.38 -0.83
N GLU D 194 -19.43 -8.79 -1.49
CA GLU D 194 -20.82 -8.87 -0.97
C GLU D 194 -21.28 -10.33 -0.94
N ARG D 195 -20.98 -11.10 -1.98
CA ARG D 195 -21.45 -12.49 -1.99
C ARG D 195 -20.70 -13.28 -0.90
N LEU D 196 -19.42 -13.00 -0.70
CA LEU D 196 -18.68 -13.72 0.35
C LEU D 196 -19.26 -13.36 1.72
N ASN D 197 -19.47 -12.06 1.95
CA ASN D 197 -20.03 -11.60 3.25
C ASN D 197 -21.46 -12.12 3.42
N GLY D 198 -22.23 -12.21 2.34
CA GLY D 198 -23.59 -12.75 2.47
C GLY D 198 -23.54 -14.19 2.92
N TYR D 199 -22.58 -14.94 2.37
CA TYR D 199 -22.42 -16.36 2.72
C TYR D 199 -22.04 -16.46 4.20
N ILE D 200 -21.13 -15.61 4.63
CA ILE D 200 -20.67 -15.64 6.05
C ILE D 200 -21.85 -15.29 6.94
N ARG D 201 -22.62 -14.28 6.59
CA ARG D 201 -23.78 -13.86 7.43
C ARG D 201 -24.79 -14.99 7.49
N ALA D 202 -25.07 -15.64 6.37
CA ALA D 202 -26.05 -16.74 6.33
C ALA D 202 -25.59 -17.90 7.22
N LEU D 203 -24.28 -18.15 7.31
CA LEU D 203 -23.81 -19.25 8.16
C LEU D 203 -24.18 -18.90 9.60
N ASN D 204 -23.84 -17.69 10.03
CA ASN D 204 -24.10 -17.24 11.41
C ASN D 204 -25.59 -17.28 11.71
N GLU D 205 -26.41 -16.73 10.82
CA GLU D 205 -27.88 -16.67 11.04
C GLU D 205 -28.50 -18.07 11.07
N ASN D 206 -27.88 -19.07 10.48
CA ASN D 206 -28.49 -20.41 10.45
C ASN D 206 -27.86 -21.32 11.51
N GLY D 207 -26.99 -20.76 12.35
CA GLY D 207 -26.34 -21.56 13.39
C GLY D 207 -25.32 -22.51 12.83
N LEU D 208 -24.73 -22.17 11.69
CA LEU D 208 -23.70 -23.05 11.12
C LEU D 208 -22.33 -22.51 11.52
N ALA D 209 -21.36 -23.39 11.69
CA ALA D 209 -20.01 -22.95 12.10
C ALA D 209 -19.24 -22.45 10.88
N TYR D 210 -18.43 -21.43 11.06
CA TYR D 210 -17.61 -20.90 9.95
C TYR D 210 -16.24 -21.59 9.94
N SER D 211 -15.76 -22.00 8.77
CA SER D 211 -14.38 -22.51 8.69
C SER D 211 -13.70 -21.88 7.47
N LYS D 212 -12.47 -21.40 7.63
CA LYS D 212 -11.73 -20.76 6.52
C LYS D 212 -11.39 -21.82 5.47
N GLU D 213 -11.43 -23.07 5.88
CA GLU D 213 -11.07 -24.19 4.96
C GLU D 213 -12.20 -24.43 3.96
N TYR D 214 -13.40 -23.97 4.29
CA TYR D 214 -14.57 -24.15 3.38
C TYR D 214 -14.70 -22.94 2.47
N VAL D 215 -13.73 -22.03 2.50
CA VAL D 215 -13.79 -20.81 1.65
C VAL D 215 -12.54 -20.77 0.77
N ILE D 216 -12.72 -20.86 -0.54
CA ILE D 216 -11.56 -20.82 -1.47
C ILE D 216 -11.52 -19.46 -2.15
N ASN D 217 -10.52 -18.65 -1.84
CA ASN D 217 -10.39 -17.31 -2.45
C ASN D 217 -9.79 -17.45 -3.84
N THR D 218 -10.49 -16.95 -4.86
CA THR D 218 -9.94 -16.98 -6.23
C THR D 218 -10.02 -15.59 -6.84
N ASP D 219 -9.35 -15.41 -7.97
CA ASP D 219 -9.38 -14.13 -8.70
C ASP D 219 -10.62 -14.12 -9.59
N SER D 220 -11.42 -15.19 -9.50
CA SER D 220 -12.69 -15.40 -10.25
C SER D 220 -12.42 -15.66 -11.72
N GLY D 221 -11.15 -15.89 -12.09
CA GLY D 221 -10.78 -16.13 -13.50
C GLY D 221 -11.10 -17.53 -14.01
N GLU D 222 -10.78 -17.79 -15.28
CA GLU D 222 -11.02 -19.12 -15.91
C GLU D 222 -10.15 -20.16 -15.21
N GLN D 223 -10.71 -21.37 -15.04
CA GLN D 223 -10.14 -22.56 -14.35
C GLN D 223 -10.18 -22.39 -12.83
N SER D 224 -10.57 -21.21 -12.35
CA SER D 224 -10.63 -21.00 -10.88
C SER D 224 -11.60 -22.01 -10.25
N GLY D 225 -12.67 -22.33 -10.96
CA GLY D 225 -13.65 -23.29 -10.43
C GLY D 225 -13.05 -24.66 -10.24
N CYS D 226 -12.33 -25.16 -11.24
CA CYS D 226 -11.74 -26.53 -11.17
C CYS D 226 -10.74 -26.62 -10.01
N LYS D 227 -9.81 -25.67 -9.93
CA LYS D 227 -8.78 -25.67 -8.86
C LYS D 227 -9.45 -25.66 -7.50
N ALA D 228 -10.41 -24.76 -7.28
CA ALA D 228 -11.08 -24.63 -5.97
C ALA D 228 -11.83 -25.91 -5.61
N ALA D 229 -12.51 -26.53 -6.57
CA ALA D 229 -13.26 -27.76 -6.28
C ALA D 229 -12.29 -28.87 -5.88
N ASP D 230 -11.08 -28.80 -6.41
CA ASP D 230 -10.05 -29.82 -6.09
C ASP D 230 -9.72 -29.73 -4.59
N GLN D 231 -9.37 -28.55 -4.11
CA GLN D 231 -9.02 -28.40 -2.68
C GLN D 231 -10.18 -28.84 -1.80
N LEU D 232 -11.38 -28.39 -2.12
CA LEU D 232 -12.57 -28.68 -1.27
C LEU D 232 -12.81 -30.17 -1.16
N LEU D 233 -12.64 -30.91 -2.24
CA LEU D 233 -12.99 -32.35 -2.18
C LEU D 233 -11.81 -33.20 -1.69
N LYS D 234 -10.63 -32.62 -1.55
CA LYS D 234 -9.45 -33.36 -1.04
C LYS D 234 -9.32 -33.13 0.48
N LEU D 235 -10.34 -32.52 1.09
CA LEU D 235 -10.36 -32.22 2.53
C LEU D 235 -10.71 -33.49 3.28
N LYS D 236 -10.27 -33.57 4.55
CA LYS D 236 -10.57 -34.71 5.43
C LYS D 236 -12.08 -34.78 5.53
N GLU D 237 -12.72 -33.64 5.71
CA GLU D 237 -14.21 -33.60 5.81
C GLU D 237 -14.73 -32.69 4.71
N PRO D 238 -14.95 -33.14 3.35
CA PRO D 238 -15.53 -32.48 1.91
C PRO D 238 -16.86 -31.86 2.33
N PRO D 239 -17.28 -30.56 1.88
CA PRO D 239 -18.66 -29.60 1.96
C PRO D 239 -19.65 -30.56 1.29
N THR D 240 -20.87 -30.66 1.81
CA THR D 240 -21.87 -31.48 1.11
C THR D 240 -22.58 -30.63 0.07
N ALA D 241 -22.30 -29.33 0.07
CA ALA D 241 -22.90 -28.36 -0.87
C ALA D 241 -21.94 -27.20 -1.03
N VAL D 242 -21.94 -26.55 -2.19
CA VAL D 242 -21.04 -25.39 -2.44
C VAL D 242 -21.87 -24.26 -3.05
N PHE D 243 -21.61 -23.04 -2.61
CA PHE D 243 -22.23 -21.84 -3.22
C PHE D 243 -21.10 -21.17 -4.00
N THR D 244 -21.24 -21.03 -5.29
CA THR D 244 -20.16 -20.43 -6.09
C THR D 244 -20.47 -18.97 -6.39
N PHE D 245 -19.44 -18.16 -6.50
CA PHE D 245 -19.55 -16.73 -6.83
C PHE D 245 -20.28 -16.54 -8.15
N ASN D 246 -20.13 -17.47 -9.10
CA ASN D 246 -20.83 -17.39 -10.40
C ASN D 246 -21.08 -18.78 -11.00
N ASP D 247 -21.81 -18.82 -12.10
CA ASP D 247 -22.18 -20.08 -12.77
C ASP D 247 -20.96 -20.71 -13.44
N MET D 248 -20.01 -19.91 -13.93
CA MET D 248 -18.81 -20.50 -14.59
C MET D 248 -18.13 -21.40 -13.58
N GLN D 249 -17.86 -20.87 -12.39
CA GLN D 249 -17.22 -21.67 -11.33
C GLN D 249 -18.10 -22.86 -10.98
N GLY D 250 -19.41 -22.66 -10.89
CA GLY D 250 -20.32 -23.76 -10.55
C GLY D 250 -20.18 -24.91 -11.51
N TYR D 251 -20.26 -24.64 -12.81
CA TYR D 251 -20.15 -25.70 -13.84
C TYR D 251 -18.76 -26.31 -13.79
N GLU D 252 -17.75 -25.44 -13.69
CA GLU D 252 -16.34 -25.90 -13.58
C GLU D 252 -16.24 -26.81 -12.35
N VAL D 253 -17.01 -26.52 -11.30
CA VAL D 253 -16.97 -27.37 -10.08
C VAL D 253 -17.52 -28.74 -10.43
N ILE D 254 -18.68 -28.79 -11.07
CA ILE D 254 -19.30 -30.09 -11.44
C ILE D 254 -18.35 -30.89 -12.33
N GLN D 255 -17.67 -30.23 -13.25
CA GLN D 255 -16.74 -30.92 -14.19
C GLN D 255 -15.56 -31.50 -13.41
N ARG D 256 -14.95 -30.73 -12.51
CA ARG D 256 -13.80 -31.27 -11.74
C ARG D 256 -14.30 -32.31 -10.75
N ALA D 257 -15.54 -32.20 -10.32
CA ALA D 257 -16.10 -33.20 -9.38
C ALA D 257 -16.17 -34.55 -10.08
N SER D 258 -16.82 -34.58 -11.24
CA SER D 258 -16.99 -35.82 -12.05
C SER D 258 -15.62 -36.44 -12.31
N GLU D 259 -14.66 -35.61 -12.74
CA GLU D 259 -13.26 -36.02 -12.97
C GLU D 259 -12.73 -36.61 -11.67
N LEU D 260 -13.33 -36.29 -10.53
CA LEU D 260 -12.84 -36.83 -9.25
C LEU D 260 -13.74 -37.97 -8.78
N GLY D 261 -14.48 -38.54 -9.73
CA GLY D 261 -15.37 -39.67 -9.44
C GLY D 261 -16.58 -39.22 -8.67
N LEU D 262 -16.95 -37.95 -8.72
CA LEU D 262 -18.17 -37.61 -7.97
C LEU D 262 -19.19 -37.00 -8.92
N SER D 263 -20.47 -37.34 -8.72
CA SER D 263 -21.57 -36.81 -9.56
C SER D 263 -22.50 -35.90 -8.75
N VAL D 264 -22.88 -34.79 -9.37
CA VAL D 264 -23.79 -33.78 -8.77
C VAL D 264 -25.20 -34.13 -9.22
N PRO D 265 -26.29 -33.93 -8.30
CA PRO D 265 -26.56 -33.42 -6.71
C PRO D 265 -26.52 -34.56 -5.68
N ARG D 266 -26.31 -35.78 -6.15
CA ARG D 266 -26.33 -36.96 -5.24
C ARG D 266 -25.39 -36.72 -4.07
N ASP D 267 -24.10 -36.59 -4.42
CA ASP D 267 -22.97 -36.39 -3.49
C ASP D 267 -22.85 -34.92 -3.07
N LEU D 268 -22.82 -34.01 -4.04
CA LEU D 268 -22.57 -32.58 -3.74
C LEU D 268 -23.59 -31.67 -4.41
N SER D 269 -24.29 -30.84 -3.64
CA SER D 269 -25.26 -29.86 -4.18
C SER D 269 -24.50 -28.59 -4.54
N VAL D 270 -24.86 -27.94 -5.64
CA VAL D 270 -24.15 -26.70 -6.04
C VAL D 270 -25.15 -25.60 -6.38
N VAL D 271 -24.91 -24.39 -5.88
CA VAL D 271 -25.75 -23.22 -6.21
C VAL D 271 -24.81 -22.14 -6.72
N GLY D 272 -25.17 -21.52 -7.83
CA GLY D 272 -24.33 -20.47 -8.41
C GLY D 272 -25.03 -19.13 -8.48
N PHE D 273 -24.56 -18.27 -9.37
CA PHE D 273 -25.09 -16.91 -9.56
C PHE D 273 -24.94 -16.53 -11.03
N ASP D 274 -25.93 -15.77 -11.53
CA ASP D 274 -26.16 -15.19 -12.89
C ASP D 274 -27.16 -16.01 -13.72
N ASN D 275 -27.34 -17.30 -13.41
CA ASN D 275 -28.28 -18.18 -14.18
C ASN D 275 -27.92 -18.02 -15.66
N ILE D 276 -26.64 -18.22 -15.96
CA ILE D 276 -26.01 -18.01 -17.31
C ILE D 276 -26.59 -18.94 -18.36
N TYR D 277 -27.28 -20.00 -17.96
CA TYR D 277 -27.94 -20.92 -18.92
C TYR D 277 -28.95 -20.10 -19.74
N ASP D 278 -29.56 -19.13 -19.09
CA ASP D 278 -30.56 -18.27 -19.77
C ASP D 278 -29.88 -17.46 -20.86
N ILE D 279 -28.60 -17.16 -20.73
CA ILE D 279 -27.95 -16.33 -21.78
C ILE D 279 -27.77 -17.18 -23.04
N PHE D 280 -27.17 -18.35 -22.89
CA PHE D 280 -26.85 -19.20 -24.06
C PHE D 280 -28.07 -19.98 -24.55
N ARG D 281 -29.01 -20.25 -23.65
CA ARG D 281 -30.25 -21.05 -23.86
C ARG D 281 -29.91 -22.53 -23.88
N PHE D 282 -28.68 -22.84 -23.47
CA PHE D 282 -28.17 -24.22 -23.35
C PHE D 282 -26.82 -24.18 -22.65
N ILE D 283 -26.48 -25.23 -21.90
CA ILE D 283 -25.14 -25.31 -21.25
C ILE D 283 -24.64 -26.73 -21.47
N PRO D 284 -23.36 -26.94 -21.82
CA PRO D 284 -22.82 -28.27 -22.10
C PRO D 284 -22.91 -29.32 -20.98
N SER D 285 -22.98 -28.91 -19.72
CA SER D 285 -23.05 -29.81 -18.54
C SER D 285 -24.26 -30.76 -18.50
N ASN D 286 -24.15 -31.80 -17.67
CA ASN D 286 -25.20 -32.82 -17.42
C ASN D 286 -26.34 -32.30 -16.53
N VAL D 287 -26.13 -31.22 -15.78
CA VAL D 287 -27.23 -30.71 -14.93
C VAL D 287 -27.36 -29.21 -15.14
N ARG D 288 -28.51 -28.63 -14.79
CA ARG D 288 -28.66 -27.16 -14.88
C ARG D 288 -28.52 -26.60 -13.46
N LEU D 289 -27.65 -25.62 -13.31
CA LEU D 289 -27.34 -25.06 -11.98
C LEU D 289 -28.54 -24.38 -11.34
N THR D 290 -28.74 -24.65 -10.06
CA THR D 290 -29.70 -23.83 -9.28
C THR D 290 -28.92 -22.52 -9.14
N SER D 291 -29.51 -21.37 -9.47
CA SER D 291 -28.68 -20.14 -9.48
C SER D 291 -29.50 -18.89 -9.17
N MET D 292 -28.86 -17.87 -8.62
CA MET D 292 -29.56 -16.61 -8.34
C MET D 292 -29.70 -15.85 -9.66
N LYS D 293 -30.91 -15.46 -10.03
CA LYS D 293 -31.11 -14.73 -11.30
C LYS D 293 -31.04 -13.23 -11.06
N GLN D 294 -30.34 -12.52 -11.93
CA GLN D 294 -30.30 -11.05 -11.79
C GLN D 294 -31.61 -10.51 -12.36
N PRO D 295 -32.35 -9.47 -11.72
CA PRO D 295 -33.76 -8.59 -11.98
C PRO D 295 -33.43 -7.65 -13.14
N MET D 296 -32.86 -8.18 -14.21
CA MET D 296 -32.43 -7.35 -15.36
C MET D 296 -33.62 -6.60 -15.95
N GLU D 297 -34.78 -7.22 -16.02
CA GLU D 297 -35.96 -6.50 -16.56
C GLU D 297 -36.27 -5.30 -15.65
N LYS D 298 -36.29 -5.52 -14.35
CA LYS D 298 -36.60 -4.42 -13.40
C LYS D 298 -35.47 -3.39 -13.44
N VAL D 299 -34.24 -3.85 -13.56
CA VAL D 299 -33.11 -2.90 -13.60
C VAL D 299 -33.29 -1.98 -14.81
N ALA D 300 -33.60 -2.55 -15.97
CA ALA D 300 -33.77 -1.77 -17.20
C ALA D 300 -34.93 -0.79 -17.06
N GLU D 301 -36.06 -1.24 -16.55
CA GLU D 301 -37.24 -0.38 -16.38
C GLU D 301 -36.87 0.81 -15.50
N ALA D 302 -36.25 0.56 -14.36
CA ALA D 302 -35.86 1.63 -13.43
C ALA D 302 -34.88 2.60 -14.10
N ALA D 303 -33.91 2.08 -14.86
CA ALA D 303 -32.90 2.95 -15.49
C ALA D 303 -33.56 3.89 -16.50
N ILE D 304 -34.48 3.37 -17.30
CA ILE D 304 -35.18 4.21 -18.31
C ILE D 304 -36.06 5.23 -17.58
N GLN D 305 -36.75 4.80 -16.52
CA GLN D 305 -37.61 5.71 -15.73
C GLN D 305 -36.77 6.88 -15.19
N LEU D 306 -35.62 6.58 -14.61
CA LEU D 306 -34.74 7.64 -14.07
C LEU D 306 -34.26 8.54 -15.20
N MET D 307 -33.88 7.96 -16.33
CA MET D 307 -33.35 8.74 -17.46
C MET D 307 -34.41 9.71 -17.98
N VAL D 308 -35.61 9.23 -18.21
CA VAL D 308 -36.68 10.12 -18.75
C VAL D 308 -36.92 11.29 -17.79
N ALA D 309 -36.97 11.02 -16.49
CA ALA D 309 -37.21 12.08 -15.48
C ALA D 309 -36.08 13.09 -15.47
N ASN D 310 -34.83 12.64 -15.56
CA ASN D 310 -33.69 13.57 -15.51
C ASN D 310 -33.59 14.38 -16.80
N ILE D 311 -34.03 13.83 -17.92
CA ILE D 311 -33.96 14.61 -19.19
C ILE D 311 -35.07 15.64 -19.13
N ASP D 312 -36.22 15.26 -18.59
CA ASP D 312 -37.41 16.13 -18.48
C ASP D 312 -37.18 17.24 -17.46
N ASN D 313 -36.41 17.00 -16.42
CA ASN D 313 -36.25 18.02 -15.36
C ASN D 313 -34.79 18.10 -14.91
N ALA D 314 -34.18 19.27 -15.00
CA ALA D 314 -32.75 19.44 -14.65
C ALA D 314 -32.56 19.50 -13.13
N ASP D 315 -33.66 19.52 -12.39
CA ASP D 315 -33.61 19.61 -10.92
C ASP D 315 -34.00 18.26 -10.30
N GLU D 316 -34.04 17.19 -11.06
CA GLU D 316 -34.42 15.90 -10.44
C GLU D 316 -33.35 15.49 -9.43
N GLN D 317 -33.77 14.93 -8.30
CA GLN D 317 -32.82 14.50 -7.26
C GLN D 317 -32.27 13.13 -7.60
N PRO D 318 -30.88 12.77 -7.42
CA PRO D 318 -29.91 11.42 -7.62
C PRO D 318 -30.69 10.35 -6.86
N LYS D 319 -30.91 9.20 -7.49
CA LYS D 319 -31.60 8.10 -6.80
C LYS D 319 -30.78 6.83 -7.00
N VAL D 320 -30.50 6.13 -5.91
CA VAL D 320 -29.85 4.80 -5.98
C VAL D 320 -31.00 3.82 -5.76
N ILE D 321 -31.26 2.96 -6.74
CA ILE D 321 -32.36 1.98 -6.64
C ILE D 321 -31.77 0.58 -6.64
N SER D 322 -32.20 -0.24 -5.70
CA SER D 322 -31.67 -1.62 -5.52
C SER D 322 -32.76 -2.65 -5.77
N PHE D 323 -32.38 -3.75 -6.41
CA PHE D 323 -33.32 -4.85 -6.71
C PHE D 323 -32.76 -6.16 -6.19
N GLU D 324 -33.67 -7.01 -5.73
CA GLU D 324 -33.30 -8.32 -5.17
C GLU D 324 -33.22 -9.32 -6.30
N THR D 325 -32.35 -10.30 -6.13
CA THR D 325 -32.20 -11.42 -7.09
C THR D 325 -33.21 -12.50 -6.70
N GLU D 326 -33.58 -13.37 -7.64
CA GLU D 326 -34.52 -14.46 -7.34
C GLU D 326 -33.84 -15.79 -7.62
N LEU D 327 -34.20 -16.82 -6.89
CA LEU D 327 -33.56 -18.13 -7.08
C LEU D 327 -34.20 -18.88 -8.24
N PHE D 328 -33.39 -19.39 -9.17
CA PHE D 328 -33.92 -20.25 -10.25
C PHE D 328 -33.66 -21.68 -9.81
N HIS D 329 -34.70 -22.50 -9.70
CA HIS D 329 -34.49 -23.90 -9.25
C HIS D 329 -34.07 -24.78 -10.44
N GLY D 330 -32.88 -25.33 -10.37
CA GLY D 330 -32.37 -26.20 -11.44
C GLY D 330 -32.32 -27.65 -11.01
N THR D 331 -31.27 -28.35 -11.40
CA THR D 331 -31.15 -29.79 -11.07
C THR D 331 -29.79 -30.06 -10.42
N SER D 332 -29.21 -29.04 -9.78
CA SER D 332 -27.87 -29.17 -9.17
C SER D 332 -27.98 -29.35 -7.66
N CYS D 333 -29.18 -29.44 -7.12
CA CYS D 333 -29.31 -29.60 -5.65
C CYS D 333 -30.31 -30.69 -5.28
N CYS D 334 -30.00 -31.44 -4.24
CA CYS D 334 -31.02 -32.37 -3.71
C CYS D 334 -30.88 -32.38 -2.19
N GLU D 335 -31.91 -32.82 -1.47
CA GLU D 335 -31.83 -32.84 0.01
C GLU D 335 -30.72 -33.75 0.52
N ARG D 336 -30.16 -33.39 1.66
CA ARG D 336 -29.10 -34.21 2.30
C ARG D 336 -29.81 -35.14 3.28
N LYS D 337 -29.29 -36.35 3.47
CA LYS D 337 -29.89 -37.34 4.42
C LYS D 337 -30.15 -36.66 5.77
#